data_8T3P
#
_entry.id   8T3P
#
_cell.length_a   67.153
_cell.length_b   52.353
_cell.length_c   141.561
_cell.angle_alpha   90.00
_cell.angle_beta   93.60
_cell.angle_gamma   90.00
#
_symmetry.space_group_name_H-M   'P 1 21 1'
#
loop_
_entity.id
_entity.type
_entity.pdbx_description
1 polymer MonCI
2 non-polymer 'FLAVIN-ADENINE DINUCLEOTIDE'
3 non-polymer 'CHLORIDE ION'
4 water water
#
_entity_poly.entity_id   1
_entity_poly.type   'polypeptide(L)'
_entity_poly.pdbx_seq_one_letter_code
;MNHKVHHHHHHIEGRHMTTTRPAHAVVLGASMAGTLAAHVLARHVDAVTVVERDALPEEPQHRKGVPQARHAHLLWSNGA
RLIEEMLPGTTDRLLAAGARRLGFPEDLVTLTGQGWQHRFPATQFALVASRPLLDLTVRQQALGADNITVRQRTEAVELT
GSGGGSGGRVTGVVVRDLDSGRQEQLEADLVIDATGRGSRLKQWLAALGVPALEEDVVDAGVAYATRLFKAPPGATTHFP
AVNIAADDRVREPGRFGVVYPIEGGRWLATLSCTRGAQLPTHEDEFIPFAENLNHPILADLLRDAEPLTPVFGSRSGANR
RLYPERLEQWPDGLLVIGDSLTAFNPIYGHGMSSAARCATTIDREFERSVQEGTGSARAGTRALQKAIGAAVDDPWILAA
TKDIDYVNCRVSATDPRLIGVDTEQRLRFAEAITAASIRSPKASEIVTDVMSLNAPQAELGSNRFLMAMRADERLPELTA
PPFLPEELAVVGLDAATISPTPTPTPTAAVRS
;
_entity_poly.pdbx_strand_id   A,B
#
loop_
_chem_comp.id
_chem_comp.type
_chem_comp.name
_chem_comp.formula
CL non-polymer 'CHLORIDE ION' 'Cl -1'
FAD non-polymer 'FLAVIN-ADENINE DINUCLEOTIDE' 'C27 H33 N9 O15 P2'
#
# COMPACT_ATOMS: atom_id res chain seq x y z
N THR A 20 -1.64 -11.38 23.78
CA THR A 20 -0.43 -10.56 23.74
C THR A 20 0.37 -10.89 22.47
N ARG A 21 1.63 -10.45 22.43
CA ARG A 21 2.43 -10.45 21.20
C ARG A 21 3.05 -11.83 20.94
N PRO A 22 3.00 -12.32 19.70
CA PRO A 22 3.59 -13.62 19.38
C PRO A 22 5.08 -13.68 19.71
N ALA A 23 5.48 -14.79 20.35
CA ALA A 23 6.89 -15.04 20.62
C ALA A 23 7.47 -16.17 19.79
N HIS A 24 6.63 -17.02 19.21
CA HIS A 24 7.10 -18.14 18.43
C HIS A 24 6.16 -18.34 17.26
N ALA A 25 6.71 -18.28 16.06
CA ALA A 25 5.92 -18.50 14.87
C ALA A 25 6.41 -19.78 14.22
N VAL A 26 5.49 -20.61 13.75
CA VAL A 26 5.83 -21.80 12.99
C VAL A 26 5.34 -21.62 11.57
N VAL A 27 6.24 -21.78 10.59
CA VAL A 27 5.89 -21.71 9.18
C VAL A 27 5.92 -23.13 8.61
N LEU A 28 4.81 -23.54 8.00
CA LEU A 28 4.69 -24.87 7.39
C LEU A 28 5.00 -24.74 5.89
N GLY A 29 6.11 -25.35 5.46
CA GLY A 29 6.51 -25.26 4.08
C GLY A 29 7.60 -24.22 3.85
N ALA A 30 8.60 -24.59 3.05
CA ALA A 30 9.78 -23.75 2.84
C ALA A 30 10.08 -23.54 1.36
N SER A 31 9.05 -23.46 0.52
CA SER A 31 9.18 -22.96 -0.85
C SER A 31 9.04 -21.43 -0.82
N MET A 32 8.60 -20.80 -1.93
CA MET A 32 8.72 -19.35 -2.05
C MET A 32 7.92 -18.65 -0.96
N ALA A 33 6.64 -19.04 -0.78
CA ALA A 33 5.79 -18.37 0.21
C ALA A 33 6.35 -18.52 1.64
N GLY A 34 6.70 -19.74 2.04
CA GLY A 34 7.14 -19.97 3.42
C GLY A 34 8.51 -19.39 3.74
N THR A 35 9.41 -19.42 2.77
CA THR A 35 10.74 -18.85 2.99
C THR A 35 10.67 -17.34 3.15
N LEU A 36 9.95 -16.67 2.25
CA LEU A 36 9.77 -15.22 2.42
C LEU A 36 9.04 -14.91 3.74
N ALA A 37 8.01 -15.68 4.07
CA ALA A 37 7.26 -15.40 5.29
C ALA A 37 8.14 -15.58 6.53
N ALA A 38 8.97 -16.62 6.53
CA ALA A 38 9.84 -16.85 7.66
C ALA A 38 10.83 -15.70 7.82
N HIS A 39 11.37 -15.22 6.70
CA HIS A 39 12.29 -14.09 6.76
C HIS A 39 11.63 -12.89 7.41
N VAL A 40 10.43 -12.54 6.94
CA VAL A 40 9.72 -11.40 7.49
C VAL A 40 9.34 -11.64 8.94
N LEU A 41 8.84 -12.83 9.26
CA LEU A 41 8.39 -13.04 10.64
C LEU A 41 9.56 -13.00 11.61
N ALA A 42 10.76 -13.41 11.18
CA ALA A 42 11.90 -13.35 12.11
C ALA A 42 12.25 -11.92 12.51
N ARG A 43 11.85 -10.94 11.71
CA ARG A 43 12.03 -9.53 12.06
C ARG A 43 11.09 -9.09 13.16
N HIS A 44 9.96 -9.78 13.36
CA HIS A 44 8.94 -9.30 14.30
C HIS A 44 8.68 -10.25 15.44
N VAL A 45 9.21 -11.47 15.39
CA VAL A 45 8.89 -12.50 16.36
C VAL A 45 10.21 -13.07 16.87
N ASP A 46 10.25 -13.39 18.17
CA ASP A 46 11.50 -13.78 18.81
C ASP A 46 12.13 -15.00 18.13
N ALA A 47 11.32 -16.01 17.82
CA ALA A 47 11.81 -17.29 17.28
C ALA A 47 10.86 -17.74 16.17
N VAL A 48 11.44 -18.22 15.07
CA VAL A 48 10.66 -18.79 13.97
C VAL A 48 11.15 -20.20 13.69
N THR A 49 10.23 -21.15 13.56
CA THR A 49 10.54 -22.51 13.15
C THR A 49 9.94 -22.74 11.77
N VAL A 50 10.72 -23.29 10.86
CA VAL A 50 10.24 -23.67 9.53
C VAL A 50 10.17 -25.19 9.46
N VAL A 51 9.01 -25.71 9.06
CA VAL A 51 8.79 -27.15 8.92
C VAL A 51 8.63 -27.44 7.44
N GLU A 52 9.54 -28.26 6.89
CA GLU A 52 9.55 -28.62 5.48
C GLU A 52 9.73 -30.13 5.32
N ARG A 53 8.84 -30.73 4.54
CA ARG A 53 8.78 -32.17 4.33
C ARG A 53 9.97 -32.67 3.52
N ASP A 54 10.44 -31.87 2.56
CA ASP A 54 11.60 -32.26 1.75
C ASP A 54 12.91 -31.99 2.49
N ALA A 55 13.96 -32.68 2.04
CA ALA A 55 15.31 -32.18 2.24
C ALA A 55 15.53 -31.02 1.27
N LEU A 56 16.16 -29.96 1.74
CA LEU A 56 16.37 -28.80 0.88
C LEU A 56 17.79 -28.82 0.35
N PRO A 57 17.98 -28.82 -0.96
CA PRO A 57 19.34 -28.92 -1.52
C PRO A 57 20.14 -27.63 -1.40
N GLU A 58 21.45 -27.80 -1.29
CA GLU A 58 22.38 -26.66 -1.26
C GLU A 58 22.87 -26.30 -2.66
N GLU A 59 22.54 -27.09 -3.67
CA GLU A 59 22.78 -26.86 -5.09
C GLU A 59 21.43 -26.75 -5.79
N PRO A 60 21.38 -26.12 -6.97
CA PRO A 60 20.07 -25.95 -7.63
C PRO A 60 19.57 -27.24 -8.26
N GLN A 61 18.91 -28.07 -7.46
CA GLN A 61 18.34 -29.32 -7.91
C GLN A 61 16.84 -29.32 -7.69
N HIS A 62 16.12 -30.04 -8.55
CA HIS A 62 14.69 -30.21 -8.37
C HIS A 62 14.41 -31.07 -7.15
N ARG A 63 13.22 -30.88 -6.56
CA ARG A 63 12.84 -31.67 -5.41
C ARG A 63 11.36 -32.03 -5.51
N LYS A 64 11.00 -33.11 -4.83
CA LYS A 64 9.67 -33.70 -5.01
C LYS A 64 8.57 -32.80 -4.48
N GLY A 65 8.88 -31.93 -3.51
CA GLY A 65 7.83 -31.06 -2.98
C GLY A 65 7.44 -29.87 -3.86
N VAL A 66 8.20 -29.56 -4.89
CA VAL A 66 7.81 -28.47 -5.80
C VAL A 66 7.90 -29.03 -7.22
N PRO A 67 7.01 -29.95 -7.60
CA PRO A 67 7.09 -30.56 -8.95
C PRO A 67 6.86 -29.54 -10.06
N GLN A 68 6.17 -28.46 -9.75
CA GLN A 68 5.90 -27.45 -10.76
C GLN A 68 7.16 -26.74 -11.21
N ALA A 69 8.26 -26.84 -10.44
CA ALA A 69 9.50 -26.17 -10.82
C ALA A 69 10.13 -26.74 -12.09
N ARG A 70 9.64 -27.88 -12.60
CA ARG A 70 10.08 -28.40 -13.90
C ARG A 70 9.66 -27.52 -15.05
N HIS A 71 8.66 -26.67 -14.87
CA HIS A 71 8.05 -25.95 -15.96
C HIS A 71 8.52 -24.50 -15.94
N ALA A 72 8.33 -23.82 -17.07
CA ALA A 72 8.85 -22.47 -17.23
C ALA A 72 8.26 -21.54 -16.17
N HIS A 73 9.13 -20.76 -15.53
CA HIS A 73 8.72 -19.80 -14.50
C HIS A 73 9.24 -18.42 -14.89
N LEU A 74 8.35 -17.44 -14.87
CA LEU A 74 8.69 -16.02 -14.93
C LEU A 74 8.51 -15.40 -13.56
N LEU A 75 9.48 -14.60 -13.10
CA LEU A 75 9.28 -13.82 -11.88
C LEU A 75 8.99 -12.38 -12.31
N TRP A 76 7.72 -11.99 -12.29
CA TRP A 76 7.35 -10.69 -12.81
C TRP A 76 7.91 -9.60 -11.90
N SER A 77 8.08 -8.41 -12.49
CA SER A 77 8.66 -7.27 -11.78
C SER A 77 7.97 -6.96 -10.45
N ASN A 78 6.66 -7.19 -10.35
CA ASN A 78 5.99 -6.99 -9.06
C ASN A 78 6.63 -7.88 -8.00
N GLY A 79 6.66 -9.20 -8.22
CA GLY A 79 7.33 -10.09 -7.29
C GLY A 79 8.82 -9.81 -7.14
N ALA A 80 9.51 -9.52 -8.25
CA ALA A 80 10.96 -9.33 -8.16
C ALA A 80 11.31 -8.12 -7.29
N ARG A 81 10.59 -7.00 -7.46
CA ARG A 81 10.87 -5.81 -6.66
C ARG A 81 10.53 -6.04 -5.20
N LEU A 82 9.43 -6.74 -4.92
CA LEU A 82 9.10 -7.00 -3.54
C LEU A 82 10.15 -7.88 -2.86
N ILE A 83 10.65 -8.91 -3.57
CA ILE A 83 11.73 -9.72 -3.04
C ILE A 83 13.01 -8.89 -2.87
N GLU A 84 13.30 -8.02 -3.84
CA GLU A 84 14.50 -7.19 -3.72
C GLU A 84 14.41 -6.24 -2.52
N GLU A 85 13.21 -5.74 -2.23
CA GLU A 85 13.01 -4.88 -1.06
C GLU A 85 13.27 -5.66 0.22
N MET A 86 12.69 -6.87 0.32
CA MET A 86 12.88 -7.67 1.54
C MET A 86 14.31 -8.20 1.67
N LEU A 87 14.95 -8.50 0.54
CA LEU A 87 16.23 -9.21 0.53
C LEU A 87 17.19 -8.53 -0.44
N PRO A 88 17.76 -7.39 -0.05
CA PRO A 88 18.64 -6.64 -0.96
C PRO A 88 19.78 -7.50 -1.48
N GLY A 89 20.13 -7.26 -2.75
CA GLY A 89 21.18 -8.04 -3.39
C GLY A 89 20.69 -9.27 -4.14
N THR A 90 19.44 -9.68 -3.93
CA THR A 90 18.96 -10.93 -4.53
C THR A 90 19.01 -10.86 -6.06
N THR A 91 18.59 -9.73 -6.64
CA THR A 91 18.51 -9.65 -8.10
C THR A 91 19.89 -9.77 -8.72
N ASP A 92 20.88 -9.08 -8.16
CA ASP A 92 22.23 -9.21 -8.68
C ASP A 92 22.80 -10.61 -8.51
N ARG A 93 22.46 -11.30 -7.41
CA ARG A 93 22.94 -12.68 -7.26
C ARG A 93 22.33 -13.56 -8.34
N LEU A 94 21.05 -13.36 -8.66
CA LEU A 94 20.40 -14.13 -9.72
C LEU A 94 21.05 -13.86 -11.08
N LEU A 95 21.25 -12.59 -11.44
CA LEU A 95 21.88 -12.26 -12.71
C LEU A 95 23.31 -12.78 -12.77
N ALA A 96 24.04 -12.69 -11.64
CA ALA A 96 25.40 -13.22 -11.62
C ALA A 96 25.40 -14.72 -11.84
N ALA A 97 24.35 -15.44 -11.40
CA ALA A 97 24.24 -16.87 -11.64
C ALA A 97 23.58 -17.22 -12.97
N GLY A 98 23.33 -16.25 -13.84
CA GLY A 98 22.87 -16.52 -15.18
C GLY A 98 21.39 -16.28 -15.45
N ALA A 99 20.62 -15.85 -14.46
CA ALA A 99 19.26 -15.43 -14.73
C ALA A 99 19.26 -14.30 -15.77
N ARG A 100 18.14 -14.15 -16.45
CA ARG A 100 18.04 -13.09 -17.45
C ARG A 100 16.90 -12.14 -17.09
N ARG A 101 17.16 -10.85 -17.25
N ARG A 101 17.13 -10.85 -17.29
CA ARG A 101 16.13 -9.83 -17.04
CA ARG A 101 16.12 -9.82 -17.04
C ARG A 101 15.47 -9.58 -18.39
C ARG A 101 15.47 -9.56 -18.39
N LEU A 102 14.26 -10.08 -18.56
CA LEU A 102 13.53 -9.94 -19.82
C LEU A 102 12.66 -8.69 -19.75
N GLY A 103 12.89 -7.73 -20.65
CA GLY A 103 12.03 -6.55 -20.70
C GLY A 103 10.79 -6.85 -21.55
N PHE A 104 9.62 -6.38 -21.06
CA PHE A 104 8.36 -6.55 -21.80
C PHE A 104 7.87 -5.22 -22.34
N PRO A 105 7.44 -5.17 -23.60
CA PRO A 105 7.34 -6.29 -24.55
C PRO A 105 8.60 -6.51 -25.37
N GLU A 106 9.57 -5.66 -25.08
CA GLU A 106 10.71 -5.45 -25.96
C GLU A 106 11.46 -6.74 -26.25
N ASP A 107 11.65 -7.59 -25.24
CA ASP A 107 12.53 -8.75 -25.36
C ASP A 107 11.79 -10.04 -25.74
N LEU A 108 10.52 -9.95 -26.16
CA LEU A 108 9.72 -11.13 -26.50
C LEU A 108 9.14 -11.01 -27.90
N VAL A 109 9.12 -12.13 -28.61
CA VAL A 109 8.39 -12.26 -29.86
C VAL A 109 7.11 -12.98 -29.47
N THR A 110 5.99 -12.27 -29.51
CA THR A 110 4.73 -12.75 -28.94
C THR A 110 3.63 -12.66 -29.99
N LEU A 111 2.99 -13.79 -30.27
CA LEU A 111 1.80 -13.81 -31.13
C LEU A 111 0.57 -13.92 -30.24
N THR A 112 -0.27 -12.89 -30.25
CA THR A 112 -1.51 -12.93 -29.48
C THR A 112 -2.65 -13.36 -30.39
N GLY A 113 -3.82 -13.58 -29.79
CA GLY A 113 -5.01 -13.84 -30.57
C GLY A 113 -5.42 -12.69 -31.48
N GLN A 114 -4.73 -11.55 -31.40
CA GLN A 114 -5.00 -10.41 -32.24
C GLN A 114 -3.86 -10.07 -33.20
N GLY A 115 -2.76 -10.82 -33.18
CA GLY A 115 -1.61 -10.51 -34.01
C GLY A 115 -0.32 -10.42 -33.21
N TRP A 116 0.77 -10.11 -33.90
CA TRP A 116 2.08 -9.98 -33.26
C TRP A 116 2.17 -8.69 -32.44
N GLN A 117 2.81 -8.81 -31.27
CA GLN A 117 3.08 -7.67 -30.38
C GLN A 117 4.23 -6.86 -30.97
N HIS A 118 4.01 -5.55 -31.21
CA HIS A 118 5.15 -4.71 -31.53
C HIS A 118 6.11 -4.63 -30.36
N ARG A 119 7.41 -4.71 -30.63
CA ARG A 119 8.39 -4.78 -29.53
C ARG A 119 8.80 -3.37 -29.08
N PHE A 120 7.82 -2.71 -28.42
CA PHE A 120 8.05 -1.38 -27.85
C PHE A 120 9.14 -1.43 -26.78
N PRO A 121 9.85 -0.31 -26.55
CA PRO A 121 10.84 -0.27 -25.47
C PRO A 121 10.21 -0.71 -24.16
N ALA A 122 10.97 -1.50 -23.39
CA ALA A 122 10.40 -2.20 -22.26
C ALA A 122 9.86 -1.23 -21.20
N THR A 123 8.66 -1.52 -20.71
CA THR A 123 8.08 -0.79 -19.61
C THR A 123 7.96 -1.62 -18.34
N GLN A 124 8.09 -2.94 -18.43
CA GLN A 124 8.15 -3.83 -17.28
C GLN A 124 9.18 -4.92 -17.59
N PHE A 125 9.46 -5.77 -16.62
CA PHE A 125 10.41 -6.85 -16.83
C PHE A 125 9.95 -8.07 -16.05
N ALA A 126 10.59 -9.20 -16.34
CA ALA A 126 10.48 -10.38 -15.51
C ALA A 126 11.86 -11.02 -15.45
N LEU A 127 12.16 -11.68 -14.35
CA LEU A 127 13.41 -12.42 -14.24
C LEU A 127 13.14 -13.86 -14.59
N VAL A 128 14.01 -14.46 -15.41
N VAL A 128 14.01 -14.47 -15.39
CA VAL A 128 13.85 -15.84 -15.87
CA VAL A 128 13.85 -15.84 -15.86
C VAL A 128 15.09 -16.63 -15.47
C VAL A 128 15.09 -16.63 -15.48
N ALA A 129 14.89 -17.69 -14.71
CA ALA A 129 15.93 -18.61 -14.32
C ALA A 129 15.23 -19.94 -14.10
N SER A 130 16.02 -21.02 -13.98
CA SER A 130 15.40 -22.27 -13.54
C SER A 130 14.83 -22.07 -12.13
N ARG A 131 13.65 -22.63 -11.89
CA ARG A 131 13.04 -22.44 -10.59
C ARG A 131 13.91 -22.98 -9.44
N PRO A 132 14.71 -24.04 -9.60
CA PRO A 132 15.59 -24.42 -8.48
C PRO A 132 16.66 -23.38 -8.17
N LEU A 133 17.17 -22.66 -9.16
CA LEU A 133 18.13 -21.60 -8.87
C LEU A 133 17.48 -20.43 -8.14
N LEU A 134 16.28 -20.03 -8.57
CA LEU A 134 15.59 -18.94 -7.90
C LEU A 134 15.34 -19.30 -6.44
N ASP A 135 14.85 -20.51 -6.21
CA ASP A 135 14.49 -20.95 -4.87
C ASP A 135 15.72 -21.00 -3.97
N LEU A 136 16.81 -21.57 -4.48
CA LEU A 136 18.05 -21.64 -3.71
C LEU A 136 18.56 -20.25 -3.37
N THR A 137 18.61 -19.35 -4.37
CA THR A 137 19.12 -17.99 -4.12
C THR A 137 18.30 -17.29 -3.06
N VAL A 138 16.99 -17.49 -3.07
CA VAL A 138 16.14 -16.83 -2.08
C VAL A 138 16.39 -17.42 -0.69
N ARG A 139 16.40 -18.76 -0.59
CA ARG A 139 16.66 -19.45 0.67
C ARG A 139 17.99 -18.99 1.26
N GLN A 140 19.03 -18.94 0.43
CA GLN A 140 20.36 -18.50 0.88
C GLN A 140 20.30 -17.12 1.50
N GLN A 141 19.48 -16.23 0.94
CA GLN A 141 19.36 -14.89 1.52
C GLN A 141 18.47 -14.88 2.76
N ALA A 142 17.43 -15.73 2.77
CA ALA A 142 16.32 -15.54 3.70
C ALA A 142 16.40 -16.42 4.95
N LEU A 143 16.99 -17.60 4.88
CA LEU A 143 16.94 -18.53 5.99
C LEU A 143 18.21 -18.52 6.83
N GLY A 144 19.08 -17.52 6.63
CA GLY A 144 20.32 -17.39 7.38
C GLY A 144 20.21 -16.74 8.75
N ALA A 145 19.07 -16.12 9.07
CA ALA A 145 18.92 -15.40 10.32
C ALA A 145 19.05 -16.34 11.52
N ASP A 146 19.65 -15.81 12.60
CA ASP A 146 19.97 -16.60 13.78
C ASP A 146 18.75 -17.09 14.53
N ASN A 147 17.59 -16.44 14.38
CA ASN A 147 16.40 -16.86 15.10
C ASN A 147 15.42 -17.65 14.22
N ILE A 148 15.87 -18.11 13.06
CA ILE A 148 15.11 -19.06 12.23
C ILE A 148 15.71 -20.46 12.40
N THR A 149 14.88 -21.43 12.76
CA THR A 149 15.28 -22.84 12.85
C THR A 149 14.52 -23.59 11.77
N VAL A 150 15.25 -24.27 10.88
CA VAL A 150 14.65 -25.00 9.78
C VAL A 150 14.68 -26.49 10.10
N ARG A 151 13.51 -27.09 10.20
CA ARG A 151 13.38 -28.53 10.41
C ARG A 151 13.03 -29.16 9.07
N GLN A 152 14.03 -29.67 8.35
CA GLN A 152 13.81 -30.36 7.09
C GLN A 152 13.38 -31.81 7.36
N ARG A 153 12.92 -32.48 6.29
CA ARG A 153 12.45 -33.87 6.39
C ARG A 153 11.48 -34.03 7.54
N THR A 154 10.64 -33.01 7.73
CA THR A 154 9.64 -32.98 8.79
C THR A 154 8.31 -32.57 8.20
N GLU A 155 7.27 -33.35 8.50
CA GLU A 155 5.96 -33.17 7.89
C GLU A 155 4.98 -32.62 8.91
N ALA A 156 4.23 -31.59 8.52
CA ALA A 156 3.12 -31.13 9.35
C ALA A 156 1.95 -32.08 9.19
N VAL A 157 1.44 -32.58 10.32
CA VAL A 157 0.42 -33.65 10.33
C VAL A 157 -0.96 -33.10 10.63
N GLU A 158 -1.09 -32.27 11.67
CA GLU A 158 -2.36 -31.61 11.93
C GLU A 158 -2.11 -30.41 12.83
N LEU A 159 -3.14 -29.58 12.96
CA LEU A 159 -3.08 -28.45 13.87
C LEU A 159 -3.63 -28.83 15.24
N THR A 160 -3.14 -28.17 16.28
CA THR A 160 -3.66 -28.37 17.63
C THR A 160 -4.36 -27.11 18.11
N GLY A 161 -5.35 -27.30 18.97
CA GLY A 161 -6.11 -26.17 19.48
C GLY A 161 -7.61 -26.45 19.48
N SER A 162 -8.42 -25.40 19.35
CA SER A 162 -9.87 -25.53 19.34
C SER A 162 -10.46 -24.62 18.28
N GLY A 163 -11.56 -25.06 17.68
CA GLY A 163 -12.18 -24.32 16.60
C GLY A 163 -13.68 -24.29 16.76
N GLY A 164 -14.32 -23.49 15.93
CA GLY A 164 -15.76 -23.33 16.00
C GLY A 164 -16.19 -22.29 17.01
N GLY A 165 -17.43 -21.81 16.82
CA GLY A 165 -18.04 -20.67 17.50
C GLY A 165 -17.32 -19.90 18.58
N SER A 166 -17.07 -18.61 18.34
CA SER A 166 -16.79 -17.68 19.42
C SER A 166 -15.30 -17.48 19.74
N GLY A 167 -14.62 -18.54 20.17
CA GLY A 167 -13.28 -18.39 20.70
C GLY A 167 -12.16 -19.29 20.20
N GLY A 168 -12.28 -19.83 18.98
CA GLY A 168 -11.32 -20.80 18.50
C GLY A 168 -9.90 -20.24 18.41
N ARG A 169 -8.92 -21.11 18.68
CA ARG A 169 -7.52 -20.75 18.58
C ARG A 169 -6.68 -21.95 18.18
N VAL A 170 -5.67 -21.70 17.35
CA VAL A 170 -4.67 -22.71 17.00
C VAL A 170 -3.46 -22.50 17.90
N THR A 171 -3.02 -23.57 18.54
CA THR A 171 -1.98 -23.48 19.56
C THR A 171 -0.69 -24.15 19.15
N GLY A 172 -0.65 -24.78 17.99
CA GLY A 172 0.55 -25.47 17.58
C GLY A 172 0.24 -26.44 16.46
N VAL A 173 1.22 -27.32 16.21
N VAL A 173 1.23 -27.31 16.20
CA VAL A 173 1.17 -28.24 15.09
CA VAL A 173 1.21 -28.23 15.08
C VAL A 173 1.80 -29.56 15.53
C VAL A 173 1.81 -29.56 15.54
N VAL A 174 1.21 -30.67 15.10
CA VAL A 174 1.83 -31.99 15.24
C VAL A 174 2.72 -32.21 14.03
N VAL A 175 3.98 -32.54 14.28
CA VAL A 175 4.93 -32.75 13.19
C VAL A 175 5.46 -34.17 13.29
N ARG A 176 5.86 -34.73 12.16
CA ARG A 176 6.44 -36.06 12.16
C ARG A 176 7.82 -35.99 11.50
N ASP A 177 8.83 -36.48 12.21
CA ASP A 177 10.15 -36.60 11.60
C ASP A 177 10.11 -37.77 10.63
N LEU A 178 10.47 -37.53 9.38
CA LEU A 178 10.32 -38.57 8.38
C LEU A 178 11.42 -39.63 8.45
N ASP A 179 12.56 -39.32 9.05
CA ASP A 179 13.62 -40.33 9.13
C ASP A 179 13.36 -41.30 10.28
N SER A 180 12.84 -40.80 11.41
CA SER A 180 12.57 -41.62 12.58
C SER A 180 11.12 -42.05 12.71
N GLY A 181 10.19 -41.40 12.00
CA GLY A 181 8.78 -41.68 12.15
C GLY A 181 8.15 -41.11 13.41
N ARG A 182 8.94 -40.46 14.25
CA ARG A 182 8.48 -39.94 15.54
C ARG A 182 7.66 -38.67 15.37
N GLN A 183 6.57 -38.60 16.12
CA GLN A 183 5.67 -37.44 16.09
C GLN A 183 5.86 -36.64 17.36
N GLU A 184 5.80 -35.32 17.23
CA GLU A 184 5.99 -34.42 18.35
C GLU A 184 5.05 -33.23 18.20
N GLN A 185 4.58 -32.73 19.34
CA GLN A 185 3.74 -31.54 19.39
C GLN A 185 4.62 -30.30 19.42
N LEU A 186 4.39 -29.40 18.48
CA LEU A 186 5.16 -28.17 18.36
C LEU A 186 4.24 -27.01 18.73
N GLU A 187 4.44 -26.46 19.92
CA GLU A 187 3.64 -25.33 20.37
C GLU A 187 4.06 -24.06 19.66
N ALA A 188 3.12 -23.14 19.49
CA ALA A 188 3.38 -21.92 18.74
C ALA A 188 2.28 -20.91 19.02
N ASP A 189 2.66 -19.63 18.99
CA ASP A 189 1.69 -18.56 19.11
C ASP A 189 1.03 -18.24 17.78
N LEU A 190 1.72 -18.55 16.68
CA LEU A 190 1.26 -18.24 15.34
C LEU A 190 1.72 -19.35 14.40
N VAL A 191 0.79 -19.88 13.63
CA VAL A 191 1.07 -20.93 12.65
C VAL A 191 0.72 -20.39 11.27
N ILE A 192 1.64 -20.54 10.31
CA ILE A 192 1.46 -20.05 8.94
C ILE A 192 1.47 -21.24 7.99
N ASP A 193 0.35 -21.48 7.33
CA ASP A 193 0.30 -22.53 6.32
C ASP A 193 0.85 -21.98 5.01
N ALA A 194 2.01 -22.47 4.60
CA ALA A 194 2.56 -22.19 3.26
C ALA A 194 2.87 -23.50 2.54
N THR A 195 2.00 -24.50 2.69
CA THR A 195 2.29 -25.83 2.13
C THR A 195 1.72 -26.02 0.72
N GLY A 196 1.26 -24.95 0.08
CA GLY A 196 1.03 -24.97 -1.33
C GLY A 196 -0.34 -25.51 -1.73
N ARG A 197 -0.48 -25.78 -3.03
CA ARG A 197 -1.77 -26.19 -3.58
C ARG A 197 -2.21 -27.54 -3.00
N GLY A 198 -1.25 -28.38 -2.60
CA GLY A 198 -1.56 -29.63 -1.94
C GLY A 198 -1.74 -29.55 -0.44
N SER A 199 -1.97 -28.34 0.10
CA SER A 199 -2.13 -28.19 1.55
C SER A 199 -3.29 -29.01 2.07
N ARG A 200 -3.12 -29.58 3.27
CA ARG A 200 -4.18 -30.28 3.97
C ARG A 200 -5.04 -29.37 4.84
N LEU A 201 -4.97 -28.06 4.61
CA LEU A 201 -5.61 -27.07 5.50
C LEU A 201 -7.08 -27.39 5.78
N LYS A 202 -7.87 -27.70 4.73
CA LYS A 202 -9.28 -27.98 4.95
C LYS A 202 -9.49 -29.13 5.93
N GLN A 203 -8.63 -30.14 5.89
CA GLN A 203 -8.77 -31.27 6.81
C GLN A 203 -8.42 -30.85 8.22
N TRP A 204 -7.35 -30.08 8.37
CA TRP A 204 -6.97 -29.58 9.68
C TRP A 204 -8.07 -28.75 10.31
N LEU A 205 -8.69 -27.87 9.52
CA LEU A 205 -9.77 -27.03 10.04
C LEU A 205 -10.98 -27.88 10.45
N ALA A 206 -11.38 -28.83 9.61
CA ALA A 206 -12.51 -29.69 9.96
C ALA A 206 -12.24 -30.45 11.25
N ALA A 207 -11.00 -30.86 11.48
CA ALA A 207 -10.69 -31.63 12.67
C ALA A 207 -10.80 -30.77 13.93
N LEU A 208 -10.61 -29.46 13.80
CA LEU A 208 -10.76 -28.55 14.92
C LEU A 208 -12.20 -28.11 15.13
N GLY A 209 -13.10 -28.46 14.21
CA GLY A 209 -14.46 -28.01 14.32
C GLY A 209 -14.75 -26.70 13.64
N VAL A 210 -13.82 -26.19 12.83
CA VAL A 210 -14.03 -24.94 12.09
C VAL A 210 -14.93 -25.22 10.89
N PRO A 211 -15.95 -24.39 10.62
CA PRO A 211 -16.78 -24.64 9.44
C PRO A 211 -16.01 -24.40 8.15
N ALA A 212 -16.60 -24.86 7.05
CA ALA A 212 -15.93 -24.82 5.76
C ALA A 212 -15.70 -23.39 5.29
N LEU A 213 -14.66 -23.20 4.49
CA LEU A 213 -14.32 -21.89 3.97
C LEU A 213 -15.09 -21.63 2.67
N GLU A 214 -15.47 -20.38 2.47
CA GLU A 214 -15.92 -19.93 1.14
C GLU A 214 -14.77 -20.01 0.15
N GLU A 215 -15.09 -20.35 -1.09
CA GLU A 215 -14.06 -20.60 -2.10
C GLU A 215 -14.61 -20.28 -3.48
N ASP A 216 -13.80 -19.60 -4.29
CA ASP A 216 -14.11 -19.33 -5.69
C ASP A 216 -13.20 -20.17 -6.58
N VAL A 217 -13.74 -20.65 -7.70
CA VAL A 217 -12.98 -21.43 -8.67
C VAL A 217 -13.35 -20.95 -10.06
N VAL A 218 -12.34 -20.76 -10.90
CA VAL A 218 -12.53 -20.59 -12.35
C VAL A 218 -11.50 -21.54 -12.99
N ASP A 219 -11.99 -22.67 -13.52
CA ASP A 219 -11.16 -23.81 -13.89
C ASP A 219 -11.33 -24.08 -15.37
N ALA A 220 -10.40 -23.60 -16.19
CA ALA A 220 -10.44 -23.82 -17.62
C ALA A 220 -9.81 -25.14 -18.05
N GLY A 221 -9.47 -26.01 -17.10
CA GLY A 221 -8.86 -27.30 -17.41
C GLY A 221 -7.52 -27.21 -18.10
N VAL A 222 -6.69 -26.27 -17.71
CA VAL A 222 -5.40 -26.04 -18.37
C VAL A 222 -4.41 -27.12 -17.93
N ALA A 223 -3.59 -27.57 -18.86
CA ALA A 223 -2.53 -28.54 -18.57
C ALA A 223 -1.27 -28.09 -19.29
N TYR A 224 -0.13 -28.60 -18.82
CA TYR A 224 1.19 -28.19 -19.27
C TYR A 224 2.03 -29.41 -19.61
N ALA A 225 2.86 -29.25 -20.64
CA ALA A 225 3.85 -30.25 -21.05
C ALA A 225 5.13 -29.50 -21.36
N THR A 226 6.24 -29.95 -20.77
CA THR A 226 7.48 -29.18 -20.83
C THR A 226 8.65 -30.09 -21.16
N ARG A 227 9.57 -29.60 -21.97
CA ARG A 227 10.87 -30.24 -22.17
C ARG A 227 11.97 -29.20 -22.00
N LEU A 228 13.08 -29.60 -21.43
CA LEU A 228 14.26 -28.76 -21.33
C LEU A 228 15.16 -29.07 -22.51
N PHE A 229 15.70 -28.01 -23.15
CA PHE A 229 16.58 -28.18 -24.29
C PHE A 229 17.90 -27.46 -24.06
N LYS A 230 18.97 -27.97 -24.69
CA LYS A 230 20.13 -27.12 -24.91
C LYS A 230 19.81 -26.13 -26.01
N ALA A 231 19.93 -24.83 -25.71
CA ALA A 231 19.60 -23.81 -26.70
C ALA A 231 20.72 -23.72 -27.74
N PRO A 232 20.42 -23.19 -28.92
CA PRO A 232 21.52 -22.79 -29.83
C PRO A 232 22.48 -21.90 -29.08
N PRO A 233 23.79 -22.13 -29.19
CA PRO A 233 24.75 -21.32 -28.43
C PRO A 233 24.50 -19.83 -28.60
N GLY A 234 24.44 -19.11 -27.48
CA GLY A 234 24.23 -17.69 -27.51
C GLY A 234 22.77 -17.28 -27.52
N ALA A 235 21.84 -18.20 -27.74
CA ALA A 235 20.43 -17.79 -27.82
C ALA A 235 19.91 -17.29 -26.47
N THR A 236 20.41 -17.83 -25.36
CA THR A 236 19.86 -17.40 -24.09
C THR A 236 20.26 -15.97 -23.75
N THR A 237 21.27 -15.43 -24.42
CA THR A 237 21.69 -14.07 -24.17
C THR A 237 21.28 -13.11 -25.28
N HIS A 238 21.25 -13.59 -26.53
CA HIS A 238 21.12 -12.74 -27.71
C HIS A 238 19.88 -13.06 -28.55
N PHE A 239 18.98 -13.90 -28.07
CA PHE A 239 17.78 -14.25 -28.80
C PHE A 239 16.60 -14.08 -27.86
N PRO A 240 15.47 -13.59 -28.34
CA PRO A 240 14.36 -13.26 -27.43
C PRO A 240 13.68 -14.51 -26.85
N ALA A 241 12.84 -14.29 -25.85
CA ALA A 241 11.87 -15.32 -25.50
C ALA A 241 10.73 -15.29 -26.52
N VAL A 242 10.02 -16.42 -26.66
CA VAL A 242 8.99 -16.53 -27.69
C VAL A 242 7.73 -17.11 -27.08
N ASN A 243 6.59 -16.47 -27.34
CA ASN A 243 5.31 -16.83 -26.75
C ASN A 243 4.25 -16.85 -27.85
N ILE A 244 3.62 -18.01 -28.07
CA ILE A 244 2.66 -18.19 -29.16
C ILE A 244 1.31 -18.60 -28.57
N ALA A 245 0.26 -17.85 -28.90
CA ALA A 245 -1.09 -18.16 -28.46
C ALA A 245 -2.00 -18.42 -29.65
N ALA A 246 -3.14 -19.06 -29.38
CA ALA A 246 -4.16 -19.34 -30.39
C ALA A 246 -4.80 -18.05 -30.89
N ASP A 247 -5.43 -18.15 -32.06
CA ASP A 247 -6.40 -17.13 -32.46
C ASP A 247 -7.58 -17.12 -31.51
N ASP A 248 -7.67 -18.10 -30.61
CA ASP A 248 -8.70 -18.20 -29.59
C ASP A 248 -10.09 -18.02 -30.22
N ARG A 249 -10.36 -18.82 -31.25
CA ARG A 249 -11.72 -18.98 -31.73
C ARG A 249 -12.63 -19.33 -30.56
N VAL A 250 -13.76 -18.62 -30.50
CA VAL A 250 -14.57 -18.55 -29.28
C VAL A 250 -14.89 -19.93 -28.74
N ARG A 251 -15.21 -20.88 -29.62
CA ARG A 251 -15.73 -22.17 -29.22
C ARG A 251 -14.67 -23.26 -29.24
N GLU A 252 -13.40 -22.88 -29.18
CA GLU A 252 -12.37 -23.90 -29.27
C GLU A 252 -11.40 -23.75 -28.10
N PRO A 253 -10.86 -24.88 -27.62
CA PRO A 253 -9.83 -24.82 -26.59
C PRO A 253 -8.65 -23.97 -27.02
N GLY A 254 -8.07 -23.23 -26.07
CA GLY A 254 -6.83 -22.52 -26.33
C GLY A 254 -5.66 -23.48 -26.35
N ARG A 255 -4.67 -23.16 -27.15
CA ARG A 255 -3.42 -23.91 -27.22
C ARG A 255 -2.28 -22.89 -27.25
N PHE A 256 -1.23 -23.15 -26.49
CA PHE A 256 -0.18 -22.15 -26.27
C PHE A 256 1.18 -22.80 -26.23
N GLY A 257 2.22 -22.01 -26.51
CA GLY A 257 3.57 -22.47 -26.28
C GLY A 257 4.50 -21.32 -25.97
N VAL A 258 5.48 -21.57 -25.11
CA VAL A 258 6.47 -20.56 -24.77
C VAL A 258 7.83 -21.23 -24.73
N VAL A 259 8.85 -20.47 -25.14
CA VAL A 259 10.25 -20.87 -24.95
C VAL A 259 10.95 -19.72 -24.24
N TYR A 260 11.50 -20.02 -23.01
CA TYR A 260 12.24 -19.10 -22.16
C TYR A 260 13.70 -19.54 -22.06
N PRO A 261 14.63 -18.59 -22.15
CA PRO A 261 16.03 -18.88 -21.82
C PRO A 261 16.19 -19.01 -20.31
N ILE A 262 17.01 -19.97 -19.87
CA ILE A 262 17.42 -20.01 -18.46
C ILE A 262 18.93 -20.15 -18.40
N GLU A 263 19.46 -20.22 -17.17
CA GLU A 263 20.90 -20.23 -17.03
C GLU A 263 21.50 -21.50 -17.63
N GLY A 264 22.79 -21.44 -17.95
CA GLY A 264 23.46 -22.60 -18.50
C GLY A 264 23.22 -22.86 -19.97
N GLY A 265 22.81 -21.84 -20.74
CA GLY A 265 22.61 -22.04 -22.15
C GLY A 265 21.47 -22.99 -22.49
N ARG A 266 20.42 -23.03 -21.67
CA ARG A 266 19.30 -23.93 -21.86
C ARG A 266 18.01 -23.17 -22.18
N TRP A 267 17.14 -23.83 -22.93
CA TRP A 267 15.79 -23.35 -23.24
C TRP A 267 14.79 -24.22 -22.50
N LEU A 268 13.84 -23.59 -21.81
CA LEU A 268 12.72 -24.33 -21.23
C LEU A 268 11.50 -24.06 -22.10
N ALA A 269 10.92 -25.12 -22.69
CA ALA A 269 9.78 -24.99 -23.59
C ALA A 269 8.54 -25.58 -22.92
N THR A 270 7.53 -24.77 -22.68
CA THR A 270 6.32 -25.23 -22.01
C THR A 270 5.13 -25.01 -22.93
N LEU A 271 4.46 -26.11 -23.27
CA LEU A 271 3.27 -26.15 -24.11
C LEU A 271 2.05 -26.33 -23.23
N SER A 272 0.92 -25.77 -23.63
CA SER A 272 -0.25 -25.87 -22.76
C SER A 272 -1.51 -25.78 -23.59
N CYS A 273 -2.62 -26.19 -22.97
CA CYS A 273 -3.91 -26.09 -23.63
C CYS A 273 -5.00 -26.09 -22.57
N THR A 274 -6.21 -25.68 -22.97
CA THR A 274 -7.35 -25.72 -22.09
C THR A 274 -8.20 -26.99 -22.35
N ARG A 275 -9.24 -27.16 -21.55
CA ARG A 275 -10.09 -28.35 -21.57
C ARG A 275 -10.63 -28.65 -22.96
N GLY A 276 -10.43 -29.90 -23.40
CA GLY A 276 -10.90 -30.35 -24.72
C GLY A 276 -9.81 -30.50 -25.77
N ALA A 277 -8.63 -29.93 -25.57
CA ALA A 277 -7.50 -30.17 -26.44
C ALA A 277 -6.57 -31.19 -25.80
N GLN A 278 -5.75 -31.82 -26.63
CA GLN A 278 -4.84 -32.86 -26.20
C GLN A 278 -3.40 -32.35 -26.20
N LEU A 279 -2.67 -32.60 -25.13
CA LEU A 279 -1.29 -32.21 -24.99
C LEU A 279 -0.39 -33.40 -25.26
N PRO A 280 0.86 -33.18 -25.67
CA PRO A 280 1.81 -34.28 -25.83
C PRO A 280 2.07 -34.99 -24.52
N THR A 281 2.13 -36.32 -24.58
CA THR A 281 2.61 -37.13 -23.47
C THR A 281 3.79 -38.01 -23.83
N HIS A 282 4.14 -38.11 -25.10
CA HIS A 282 5.34 -38.79 -25.54
C HIS A 282 6.23 -37.78 -26.24
N GLU A 283 7.52 -38.07 -26.25
CA GLU A 283 8.49 -37.11 -26.76
C GLU A 283 8.25 -36.79 -28.24
N ASP A 284 7.92 -37.78 -29.07
CA ASP A 284 7.71 -37.50 -30.50
C ASP A 284 6.41 -36.73 -30.78
N GLU A 285 5.62 -36.43 -29.76
CA GLU A 285 4.42 -35.62 -29.95
C GLU A 285 4.67 -34.15 -29.66
N PHE A 286 5.82 -33.82 -29.05
CA PHE A 286 6.05 -32.49 -28.47
C PHE A 286 6.19 -31.43 -29.56
N ILE A 287 7.19 -31.59 -30.45
CA ILE A 287 7.39 -30.59 -31.51
C ILE A 287 6.18 -30.51 -32.43
N PRO A 288 5.52 -31.63 -32.81
CA PRO A 288 4.31 -31.49 -33.65
C PRO A 288 3.21 -30.66 -33.00
N PHE A 289 3.05 -30.71 -31.68
CA PHE A 289 2.08 -29.82 -31.05
C PHE A 289 2.47 -28.37 -31.28
N ALA A 290 3.75 -28.04 -31.07
CA ALA A 290 4.20 -26.66 -31.30
C ALA A 290 4.09 -26.26 -32.77
N GLU A 291 4.24 -27.23 -33.67
CA GLU A 291 4.07 -26.99 -35.10
C GLU A 291 2.64 -26.60 -35.44
N ASN A 292 1.68 -27.05 -34.63
CA ASN A 292 0.27 -26.81 -34.90
C ASN A 292 -0.27 -25.58 -34.22
N LEU A 293 0.59 -24.77 -33.60
CA LEU A 293 0.13 -23.51 -33.05
C LEU A 293 -0.18 -22.52 -34.21
N ASN A 294 -0.61 -21.31 -33.89
CA ASN A 294 -1.06 -20.40 -34.96
C ASN A 294 0.08 -20.01 -35.89
N HIS A 295 1.31 -20.03 -35.39
CA HIS A 295 2.48 -19.86 -36.22
C HIS A 295 3.47 -20.92 -35.77
N PRO A 296 4.19 -21.55 -36.70
CA PRO A 296 5.04 -22.70 -36.35
C PRO A 296 6.42 -22.34 -35.82
N ILE A 297 6.72 -21.05 -35.55
CA ILE A 297 8.07 -20.63 -35.20
C ILE A 297 8.66 -21.45 -34.06
N LEU A 298 7.87 -21.77 -33.02
CA LEU A 298 8.46 -22.53 -31.92
C LEU A 298 9.00 -23.86 -32.40
N ALA A 299 8.27 -24.54 -33.29
CA ALA A 299 8.77 -25.79 -33.83
C ALA A 299 10.04 -25.58 -34.64
N ASP A 300 10.11 -24.50 -35.43
CA ASP A 300 11.32 -24.22 -36.20
C ASP A 300 12.52 -24.00 -35.29
N LEU A 301 12.30 -23.35 -34.14
CA LEU A 301 13.38 -23.13 -33.18
C LEU A 301 13.80 -24.41 -32.49
N LEU A 302 12.86 -25.26 -32.13
CA LEU A 302 13.20 -26.46 -31.38
C LEU A 302 13.62 -27.63 -32.25
N ARG A 303 13.39 -27.54 -33.57
CA ARG A 303 13.51 -28.70 -34.46
C ARG A 303 14.87 -29.38 -34.36
N ASP A 304 15.96 -28.61 -34.27
CA ASP A 304 17.30 -29.18 -34.15
C ASP A 304 17.95 -28.95 -32.78
N ALA A 305 17.27 -28.29 -31.84
CA ALA A 305 17.81 -28.12 -30.50
C ALA A 305 17.87 -29.47 -29.81
N GLU A 306 18.82 -29.61 -28.90
CA GLU A 306 19.08 -30.91 -28.28
C GLU A 306 18.19 -31.07 -27.05
N PRO A 307 17.29 -32.06 -27.01
CA PRO A 307 16.42 -32.22 -25.85
C PRO A 307 17.19 -32.88 -24.71
N LEU A 308 17.00 -32.35 -23.51
CA LEU A 308 17.72 -32.82 -22.33
C LEU A 308 16.86 -33.66 -21.41
N THR A 309 15.54 -33.59 -21.53
CA THR A 309 14.62 -34.24 -20.61
C THR A 309 13.49 -34.85 -21.41
N PRO A 310 12.81 -35.83 -20.86
CA PRO A 310 11.51 -36.19 -21.40
C PRO A 310 10.47 -35.09 -21.20
N VAL A 311 9.23 -35.38 -21.58
CA VAL A 311 8.11 -34.47 -21.37
C VAL A 311 7.66 -34.58 -19.92
N PHE A 312 7.66 -33.46 -19.20
CA PHE A 312 7.04 -33.35 -17.89
C PHE A 312 5.66 -32.74 -18.06
N GLY A 313 4.68 -33.24 -17.30
CA GLY A 313 3.33 -32.73 -17.35
C GLY A 313 2.91 -32.09 -16.03
N SER A 314 1.96 -31.14 -16.11
CA SER A 314 1.27 -30.63 -14.93
C SER A 314 -0.20 -30.50 -15.27
N ARG A 315 -1.05 -30.79 -14.29
CA ARG A 315 -2.48 -30.50 -14.39
C ARG A 315 -2.92 -29.42 -13.40
N SER A 316 -1.98 -28.66 -12.85
CA SER A 316 -2.32 -27.64 -11.85
C SER A 316 -2.55 -26.29 -12.52
N GLY A 317 -3.71 -26.16 -13.18
CA GLY A 317 -3.96 -24.96 -13.97
C GLY A 317 -5.22 -24.17 -13.62
N ALA A 318 -5.91 -24.58 -12.57
CA ALA A 318 -7.17 -23.93 -12.20
C ALA A 318 -6.89 -22.70 -11.36
N ASN A 319 -7.81 -21.73 -11.42
CA ASN A 319 -7.79 -20.61 -10.49
C ASN A 319 -8.69 -20.92 -9.32
N ARG A 320 -8.16 -20.81 -8.10
CA ARG A 320 -8.98 -21.09 -6.92
C ARG A 320 -8.52 -20.13 -5.82
N ARG A 321 -9.47 -19.74 -5.00
CA ARG A 321 -9.19 -18.78 -3.93
C ARG A 321 -10.03 -19.09 -2.72
N LEU A 322 -9.38 -19.33 -1.57
CA LEU A 322 -10.08 -19.46 -0.30
C LEU A 322 -10.29 -18.07 0.31
N TYR A 323 -11.36 -17.89 1.06
CA TYR A 323 -11.63 -16.62 1.75
C TYR A 323 -11.69 -16.78 3.26
N PRO A 324 -10.58 -17.17 3.91
CA PRO A 324 -10.57 -17.16 5.39
C PRO A 324 -10.92 -15.80 6.00
N GLU A 325 -10.61 -14.70 5.32
CA GLU A 325 -10.94 -13.37 5.82
C GLU A 325 -12.44 -13.15 5.92
N ARG A 326 -13.24 -14.01 5.32
CA ARG A 326 -14.69 -13.93 5.42
C ARG A 326 -15.28 -14.86 6.48
N LEU A 327 -14.49 -15.73 7.07
CA LEU A 327 -15.02 -16.75 7.97
C LEU A 327 -15.10 -16.19 9.39
N GLU A 328 -16.33 -16.02 9.90
CA GLU A 328 -16.52 -15.53 11.26
C GLU A 328 -15.80 -16.43 12.28
N GLN A 329 -15.76 -17.73 12.04
CA GLN A 329 -15.11 -18.67 12.94
C GLN A 329 -13.66 -18.96 12.58
N TRP A 330 -12.94 -18.03 11.96
CA TRP A 330 -11.53 -18.27 11.69
C TRP A 330 -10.77 -18.32 13.01
N PRO A 331 -9.94 -19.33 13.24
CA PRO A 331 -9.27 -19.46 14.55
C PRO A 331 -8.09 -18.51 14.69
N ASP A 332 -7.92 -17.99 15.90
CA ASP A 332 -6.77 -17.14 16.23
C ASP A 332 -5.47 -17.93 16.11
N GLY A 333 -4.39 -17.22 15.79
CA GLY A 333 -3.08 -17.83 15.72
C GLY A 333 -2.79 -18.60 14.44
N LEU A 334 -3.62 -18.47 13.41
CA LEU A 334 -3.48 -19.20 12.15
C LEU A 334 -3.54 -18.22 10.98
N LEU A 335 -2.56 -18.33 10.08
CA LEU A 335 -2.54 -17.60 8.82
C LEU A 335 -2.34 -18.60 7.68
N VAL A 336 -2.89 -18.27 6.51
CA VAL A 336 -2.69 -19.07 5.30
C VAL A 336 -2.18 -18.14 4.21
N ILE A 337 -1.11 -18.55 3.50
CA ILE A 337 -0.48 -17.72 2.46
C ILE A 337 -0.12 -18.58 1.26
N GLY A 338 0.30 -17.92 0.18
CA GLY A 338 0.78 -18.60 -1.01
C GLY A 338 -0.28 -19.43 -1.71
N ASP A 339 0.17 -20.50 -2.38
CA ASP A 339 -0.75 -21.31 -3.17
C ASP A 339 -1.81 -21.99 -2.31
N SER A 340 -1.54 -22.21 -1.02
CA SER A 340 -2.58 -22.81 -0.18
C SER A 340 -3.79 -21.89 -0.07
N LEU A 341 -3.53 -20.58 0.05
CA LEU A 341 -4.62 -19.60 0.11
C LEU A 341 -5.28 -19.43 -1.25
N THR A 342 -4.48 -19.24 -2.29
CA THR A 342 -5.00 -18.98 -3.62
C THR A 342 -3.96 -19.35 -4.68
N ALA A 343 -4.40 -19.94 -5.79
CA ALA A 343 -3.48 -20.40 -6.83
C ALA A 343 -4.12 -20.15 -8.18
N PHE A 344 -3.30 -20.02 -9.21
CA PHE A 344 -3.74 -19.45 -10.47
C PHE A 344 -3.30 -20.32 -11.64
N ASN A 345 -3.95 -20.08 -12.79
CA ASN A 345 -3.48 -20.62 -14.06
C ASN A 345 -2.05 -20.15 -14.28
N PRO A 346 -1.07 -21.05 -14.35
CA PRO A 346 0.35 -20.62 -14.44
C PRO A 346 0.69 -19.80 -15.69
N ILE A 347 -0.14 -19.87 -16.74
CA ILE A 347 0.17 -19.15 -17.99
C ILE A 347 0.39 -17.66 -17.73
N TYR A 348 -0.30 -17.08 -16.74
CA TYR A 348 -0.11 -15.66 -16.48
C TYR A 348 1.06 -15.36 -15.55
N GLY A 349 1.62 -16.39 -14.89
CA GLY A 349 2.90 -16.27 -14.18
C GLY A 349 2.95 -15.44 -12.90
N HIS A 350 1.94 -15.54 -12.05
CA HIS A 350 1.87 -14.64 -10.89
C HIS A 350 2.03 -15.31 -9.53
N GLY A 351 2.10 -16.64 -9.46
CA GLY A 351 2.09 -17.29 -8.14
C GLY A 351 3.24 -16.85 -7.23
N MET A 352 4.44 -16.72 -7.79
CA MET A 352 5.57 -16.30 -6.95
C MET A 352 5.41 -14.85 -6.53
N SER A 353 4.87 -14.00 -7.44
CA SER A 353 4.61 -12.61 -7.08
C SER A 353 3.54 -12.53 -5.99
N SER A 354 2.53 -13.38 -6.08
CA SER A 354 1.49 -13.41 -5.06
C SER A 354 2.06 -13.87 -3.73
N ALA A 355 3.00 -14.83 -3.77
CA ALA A 355 3.66 -15.26 -2.55
C ALA A 355 4.46 -14.12 -1.91
N ALA A 356 5.20 -13.37 -2.75
CA ALA A 356 5.95 -12.23 -2.25
C ALA A 356 5.05 -11.17 -1.65
N ARG A 357 3.86 -10.95 -2.26
CA ARG A 357 2.90 -10.00 -1.71
C ARG A 357 2.43 -10.43 -0.31
N CYS A 358 2.18 -11.73 -0.12
CA CYS A 358 1.77 -12.22 1.20
C CYS A 358 2.80 -11.88 2.25
N ALA A 359 4.08 -12.12 1.97
CA ALA A 359 5.12 -11.82 2.96
C ALA A 359 5.28 -10.32 3.15
N THR A 360 5.27 -9.54 2.07
CA THR A 360 5.36 -8.09 2.20
C THR A 360 4.23 -7.56 3.08
N THR A 361 3.02 -8.10 2.90
CA THR A 361 1.87 -7.60 3.63
C THR A 361 2.01 -7.92 5.12
N ILE A 362 2.46 -9.13 5.43
CA ILE A 362 2.75 -9.47 6.82
C ILE A 362 3.74 -8.47 7.41
N ASP A 363 4.82 -8.21 6.67
CA ASP A 363 5.84 -7.28 7.12
C ASP A 363 5.27 -5.89 7.37
N ARG A 364 4.41 -5.42 6.46
N ARG A 364 4.43 -5.40 6.47
CA ARG A 364 3.88 -4.08 6.55
CA ARG A 364 3.95 -4.04 6.66
C ARG A 364 2.82 -3.96 7.64
C ARG A 364 2.82 -3.95 7.68
N GLU A 365 2.08 -5.03 7.93
CA GLU A 365 0.95 -4.94 8.83
C GLU A 365 1.15 -5.61 10.17
N PHE A 366 2.25 -6.34 10.37
CA PHE A 366 2.40 -7.12 11.60
C PHE A 366 2.25 -6.24 12.84
N GLU A 367 3.00 -5.14 12.91
CA GLU A 367 3.04 -4.39 14.17
C GLU A 367 1.68 -3.74 14.45
N ARG A 368 1.09 -3.08 13.45
CA ARG A 368 -0.24 -2.51 13.59
C ARG A 368 -1.26 -3.54 14.07
N SER A 369 -1.17 -4.77 13.55
CA SER A 369 -2.18 -5.79 13.84
C SER A 369 -2.04 -6.39 15.22
N VAL A 370 -0.82 -6.54 15.73
CA VAL A 370 -0.61 -7.21 17.01
C VAL A 370 -0.49 -6.24 18.17
N GLN A 371 -0.69 -4.95 17.94
CA GLN A 371 -0.60 -3.99 19.04
C GLN A 371 -1.57 -4.37 20.15
N GLU A 372 -1.08 -4.33 21.39
CA GLU A 372 -1.86 -4.84 22.49
C GLU A 372 -3.02 -3.91 22.84
N GLY A 373 -4.01 -4.46 23.53
CA GLY A 373 -5.23 -3.74 23.85
C GLY A 373 -6.47 -4.61 23.88
N THR A 374 -6.55 -5.61 23.00
CA THR A 374 -7.74 -6.46 22.93
C THR A 374 -7.72 -7.63 23.90
N GLY A 375 -6.54 -8.00 24.41
CA GLY A 375 -6.44 -9.10 25.35
C GLY A 375 -6.39 -10.47 24.73
N SER A 376 -6.35 -10.56 23.41
CA SER A 376 -6.23 -11.86 22.74
C SER A 376 -5.58 -11.64 21.39
N ALA A 377 -5.18 -12.75 20.76
CA ALA A 377 -4.58 -12.73 19.44
C ALA A 377 -5.60 -12.68 18.31
N ARG A 378 -6.91 -12.59 18.62
CA ARG A 378 -7.95 -12.61 17.58
C ARG A 378 -7.83 -11.44 16.62
N ALA A 379 -7.80 -10.21 17.15
CA ALA A 379 -7.78 -9.02 16.32
C ALA A 379 -6.59 -9.02 15.36
N GLY A 380 -5.41 -9.38 15.88
CA GLY A 380 -4.21 -9.41 15.06
C GLY A 380 -4.24 -10.46 13.97
N THR A 381 -4.59 -11.71 14.32
CA THR A 381 -4.72 -12.76 13.33
C THR A 381 -5.69 -12.40 12.23
N ARG A 382 -6.88 -11.95 12.62
CA ARG A 382 -7.89 -11.62 11.63
C ARG A 382 -7.47 -10.41 10.80
N ALA A 383 -6.85 -9.39 11.42
CA ALA A 383 -6.41 -8.23 10.64
C ALA A 383 -5.31 -8.62 9.64
N LEU A 384 -4.38 -9.48 10.04
CA LEU A 384 -3.37 -9.95 9.11
C LEU A 384 -3.99 -10.73 7.96
N GLN A 385 -4.86 -11.70 8.28
CA GLN A 385 -5.43 -12.50 7.20
C GLN A 385 -6.30 -11.65 6.25
N LYS A 386 -6.98 -10.63 6.79
CA LYS A 386 -7.74 -9.73 5.92
C LYS A 386 -6.80 -8.93 5.01
N ALA A 387 -5.66 -8.48 5.52
CA ALA A 387 -4.75 -7.73 4.64
C ALA A 387 -4.10 -8.64 3.60
N ILE A 388 -3.76 -9.87 3.99
CA ILE A 388 -3.26 -10.85 3.02
C ILE A 388 -4.28 -11.09 1.93
N GLY A 389 -5.56 -11.23 2.32
CA GLY A 389 -6.62 -11.44 1.36
C GLY A 389 -6.71 -10.32 0.34
N ALA A 390 -6.61 -9.07 0.80
CA ALA A 390 -6.63 -7.97 -0.15
C ALA A 390 -5.41 -8.00 -1.07
N ALA A 391 -4.26 -8.48 -0.57
CA ALA A 391 -3.04 -8.44 -1.37
C ALA A 391 -3.06 -9.44 -2.52
N VAL A 392 -3.84 -10.51 -2.42
CA VAL A 392 -3.87 -11.51 -3.48
C VAL A 392 -5.03 -11.29 -4.44
N ASP A 393 -5.76 -10.18 -4.29
CA ASP A 393 -6.88 -9.95 -5.21
C ASP A 393 -6.41 -9.73 -6.64
N ASP A 394 -5.31 -8.98 -6.86
CA ASP A 394 -4.91 -8.67 -8.24
C ASP A 394 -4.64 -9.94 -9.07
N PRO A 395 -3.82 -10.89 -8.63
CA PRO A 395 -3.61 -12.08 -9.49
C PRO A 395 -4.86 -12.91 -9.63
N TRP A 396 -5.76 -12.91 -8.64
CA TRP A 396 -7.00 -13.68 -8.75
C TRP A 396 -7.87 -13.12 -9.87
N ILE A 397 -8.18 -11.83 -9.82
CA ILE A 397 -9.15 -11.29 -10.76
C ILE A 397 -8.56 -11.26 -12.16
N LEU A 398 -7.24 -11.04 -12.28
CA LEU A 398 -6.60 -11.13 -13.61
C LEU A 398 -6.78 -12.52 -14.23
N ALA A 399 -6.37 -13.55 -13.51
CA ALA A 399 -6.37 -14.88 -14.13
C ALA A 399 -7.79 -15.37 -14.32
N ALA A 400 -8.68 -15.12 -13.35
CA ALA A 400 -10.06 -15.56 -13.49
C ALA A 400 -10.76 -14.86 -14.66
N THR A 401 -10.50 -13.57 -14.83
CA THR A 401 -11.11 -12.85 -15.95
C THR A 401 -10.61 -13.41 -17.26
N LYS A 402 -9.33 -13.78 -17.32
CA LYS A 402 -8.80 -14.29 -18.57
C LYS A 402 -9.33 -15.68 -18.89
N ASP A 403 -9.65 -16.50 -17.89
CA ASP A 403 -10.01 -17.90 -18.13
C ASP A 403 -11.52 -18.14 -18.20
N ILE A 404 -12.35 -17.18 -17.75
CA ILE A 404 -13.73 -17.54 -17.47
C ILE A 404 -14.51 -17.88 -18.73
N ASP A 405 -14.12 -17.36 -19.89
CA ASP A 405 -14.92 -17.58 -21.09
C ASP A 405 -14.39 -18.70 -22.00
N TYR A 406 -13.37 -19.45 -21.57
CA TYR A 406 -12.96 -20.61 -22.37
C TYR A 406 -14.09 -21.63 -22.47
N VAL A 407 -14.21 -22.26 -23.65
CA VAL A 407 -15.25 -23.27 -23.82
C VAL A 407 -15.05 -24.34 -22.76
N ASN A 408 -16.16 -24.72 -22.12
CA ASN A 408 -16.24 -25.76 -21.11
C ASN A 408 -15.46 -25.45 -19.84
N CYS A 409 -15.23 -24.17 -19.59
CA CYS A 409 -14.65 -23.75 -18.32
C CYS A 409 -15.64 -24.03 -17.19
N ARG A 410 -15.11 -24.47 -16.05
CA ARG A 410 -15.91 -24.79 -14.87
C ARG A 410 -15.83 -23.60 -13.91
N VAL A 411 -16.97 -22.96 -13.65
CA VAL A 411 -17.00 -21.73 -12.86
C VAL A 411 -17.85 -21.98 -11.64
N SER A 412 -17.26 -21.78 -10.46
CA SER A 412 -17.96 -21.88 -9.20
C SER A 412 -17.47 -20.73 -8.33
N ALA A 413 -18.03 -19.53 -8.55
CA ALA A 413 -17.50 -18.34 -7.91
C ALA A 413 -18.64 -17.37 -7.55
N THR A 414 -18.45 -16.63 -6.46
CA THR A 414 -19.42 -15.62 -6.07
C THR A 414 -18.98 -14.20 -6.43
N ASP A 415 -17.85 -14.04 -7.09
CA ASP A 415 -17.28 -12.72 -7.38
C ASP A 415 -18.14 -11.98 -8.37
N PRO A 416 -18.86 -10.93 -7.99
CA PRO A 416 -19.75 -10.24 -8.95
C PRO A 416 -19.01 -9.60 -10.13
N ARG A 417 -17.73 -9.31 -9.99
CA ARG A 417 -16.98 -8.81 -11.16
C ARG A 417 -16.94 -9.84 -12.29
N LEU A 418 -17.00 -11.11 -11.93
CA LEU A 418 -17.02 -12.20 -12.88
C LEU A 418 -18.43 -12.59 -13.29
N ILE A 419 -19.30 -12.85 -12.29
CA ILE A 419 -20.57 -13.51 -12.59
C ILE A 419 -21.68 -12.50 -12.85
N GLY A 420 -21.47 -11.23 -12.54
CA GLY A 420 -22.49 -10.23 -12.78
C GLY A 420 -22.37 -9.50 -14.10
N VAL A 421 -21.51 -9.93 -15.01
CA VAL A 421 -21.33 -9.17 -16.24
C VAL A 421 -21.69 -10.03 -17.44
N ASP A 422 -22.12 -9.36 -18.50
CA ASP A 422 -22.44 -10.02 -19.76
C ASP A 422 -21.20 -10.62 -20.43
N THR A 423 -21.27 -11.91 -20.73
CA THR A 423 -20.16 -12.63 -21.34
C THR A 423 -19.77 -12.03 -22.70
N GLU A 424 -20.76 -11.64 -23.50
CA GLU A 424 -20.43 -11.09 -24.82
C GLU A 424 -19.72 -9.75 -24.68
N GLN A 425 -20.15 -8.91 -23.73
CA GLN A 425 -19.44 -7.66 -23.46
C GLN A 425 -18.00 -7.90 -23.00
N ARG A 426 -17.79 -8.85 -22.09
CA ARG A 426 -16.43 -9.14 -21.62
C ARG A 426 -15.54 -9.57 -22.78
N LEU A 427 -16.05 -10.45 -23.66
CA LEU A 427 -15.27 -10.91 -24.80
C LEU A 427 -14.88 -9.74 -25.70
N ARG A 428 -15.82 -8.82 -25.92
CA ARG A 428 -15.51 -7.62 -26.70
C ARG A 428 -14.46 -6.77 -26.01
N PHE A 429 -14.61 -6.54 -24.69
CA PHE A 429 -13.59 -5.78 -23.96
C PHE A 429 -12.21 -6.40 -24.13
N ALA A 430 -12.14 -7.74 -24.03
CA ALA A 430 -10.85 -8.44 -24.01
C ALA A 430 -10.14 -8.32 -25.35
N GLU A 431 -10.88 -8.50 -26.44
CA GLU A 431 -10.27 -8.34 -27.76
C GLU A 431 -9.78 -6.92 -27.95
N ALA A 432 -10.54 -5.93 -27.45
CA ALA A 432 -10.13 -4.54 -27.61
C ALA A 432 -8.85 -4.25 -26.87
N ILE A 433 -8.73 -4.76 -25.64
CA ILE A 433 -7.53 -4.53 -24.85
C ILE A 433 -6.33 -5.14 -25.55
N THR A 434 -6.49 -6.38 -26.00
CA THR A 434 -5.39 -7.06 -26.66
C THR A 434 -5.00 -6.33 -27.95
N ALA A 435 -6.00 -5.95 -28.75
CA ALA A 435 -5.72 -5.26 -30.00
C ALA A 435 -4.96 -3.96 -29.77
N ALA A 436 -5.31 -3.23 -28.72
CA ALA A 436 -4.60 -1.99 -28.43
C ALA A 436 -3.19 -2.28 -27.94
N SER A 437 -3.04 -3.30 -27.09
CA SER A 437 -1.75 -3.54 -26.46
C SER A 437 -0.68 -3.89 -27.49
N ILE A 438 -1.04 -4.61 -28.55
CA ILE A 438 -0.01 -5.04 -29.47
C ILE A 438 0.46 -3.95 -30.42
N ARG A 439 -0.34 -2.90 -30.65
CA ARG A 439 0.02 -1.94 -31.69
C ARG A 439 0.00 -0.47 -31.25
N SER A 440 -0.32 -0.19 -30.00
CA SER A 440 -0.40 1.19 -29.50
C SER A 440 0.52 1.32 -28.29
N PRO A 441 1.61 2.11 -28.36
CA PRO A 441 2.56 2.12 -27.22
C PRO A 441 1.94 2.56 -25.90
N LYS A 442 1.06 3.56 -25.89
CA LYS A 442 0.52 4.02 -24.61
C LYS A 442 -0.42 2.98 -24.01
N ALA A 443 -1.20 2.28 -24.85
CA ALA A 443 -2.01 1.18 -24.33
C ALA A 443 -1.13 0.04 -23.83
N SER A 444 -0.06 -0.27 -24.58
CA SER A 444 0.79 -1.39 -24.18
C SER A 444 1.42 -1.14 -22.80
N GLU A 445 1.77 0.11 -22.48
CA GLU A 445 2.28 0.41 -21.16
C GLU A 445 1.31 0.02 -20.06
N ILE A 446 0.05 0.45 -20.19
CA ILE A 446 -0.93 0.16 -19.15
C ILE A 446 -1.22 -1.34 -19.07
N VAL A 447 -1.36 -2.00 -20.22
CA VAL A 447 -1.62 -3.44 -20.20
C VAL A 447 -0.42 -4.20 -19.62
N THR A 448 0.81 -3.76 -19.97
CA THR A 448 2.00 -4.40 -19.41
C THR A 448 2.08 -4.20 -17.90
N ASP A 449 1.68 -3.02 -17.41
CA ASP A 449 1.54 -2.81 -15.96
C ASP A 449 0.62 -3.84 -15.32
N VAL A 450 -0.54 -4.07 -15.91
CA VAL A 450 -1.48 -5.06 -15.36
C VAL A 450 -0.91 -6.47 -15.47
N MET A 451 -0.36 -6.82 -16.64
CA MET A 451 0.12 -8.18 -16.82
C MET A 451 1.32 -8.50 -15.93
N SER A 452 2.07 -7.49 -15.48
CA SER A 452 3.18 -7.68 -14.57
C SER A 452 2.76 -7.61 -13.09
N LEU A 453 1.46 -7.50 -12.82
CA LEU A 453 0.88 -7.43 -11.48
C LEU A 453 1.23 -6.12 -10.77
N ASN A 454 1.38 -5.04 -11.54
CA ASN A 454 1.68 -3.74 -10.93
C ASN A 454 0.53 -2.75 -11.05
N ALA A 455 -0.59 -3.16 -11.63
CA ALA A 455 -1.81 -2.36 -11.66
C ALA A 455 -2.96 -3.36 -11.69
N PRO A 456 -4.08 -3.05 -11.04
CA PRO A 456 -5.20 -4.00 -11.00
C PRO A 456 -5.88 -4.16 -12.36
N GLN A 457 -6.43 -5.36 -12.58
CA GLN A 457 -7.22 -5.62 -13.79
C GLN A 457 -8.28 -4.54 -14.03
N ALA A 458 -8.84 -3.98 -12.95
CA ALA A 458 -9.86 -2.94 -13.07
C ALA A 458 -9.36 -1.70 -13.82
N GLU A 459 -8.05 -1.45 -13.85
CA GLU A 459 -7.50 -0.32 -14.59
C GLU A 459 -7.80 -0.37 -16.09
N LEU A 460 -8.08 -1.54 -16.67
CA LEU A 460 -8.39 -1.67 -18.09
C LEU A 460 -9.83 -1.26 -18.42
N GLY A 461 -10.65 -1.00 -17.41
CA GLY A 461 -11.96 -0.41 -17.58
C GLY A 461 -12.01 1.06 -17.22
N SER A 462 -10.88 1.68 -16.90
CA SER A 462 -10.83 3.06 -16.43
C SER A 462 -11.01 4.05 -17.56
N ASN A 463 -11.40 5.29 -17.18
CA ASN A 463 -11.41 6.39 -18.13
C ASN A 463 -10.03 6.59 -18.73
N ARG A 464 -8.99 6.47 -17.90
CA ARG A 464 -7.64 6.71 -18.37
C ARG A 464 -7.27 5.72 -19.47
N PHE A 465 -7.55 4.43 -19.27
CA PHE A 465 -7.16 3.45 -20.27
C PHE A 465 -8.01 3.56 -21.53
N LEU A 466 -9.31 3.74 -21.37
CA LEU A 466 -10.17 3.92 -22.54
C LEU A 466 -9.72 5.12 -23.37
N MET A 467 -9.33 6.21 -22.72
CA MET A 467 -8.86 7.38 -23.47
C MET A 467 -7.56 7.08 -24.22
N ALA A 468 -6.64 6.38 -23.56
CA ALA A 468 -5.40 5.97 -24.20
C ALA A 468 -5.67 5.05 -25.38
N MET A 469 -6.62 4.13 -25.24
CA MET A 469 -7.02 3.26 -26.36
C MET A 469 -7.50 4.09 -27.53
N ARG A 470 -8.20 5.17 -27.25
CA ARG A 470 -8.86 5.94 -28.30
C ARG A 470 -7.88 6.91 -28.98
N ALA A 471 -7.09 7.63 -28.18
CA ALA A 471 -6.27 8.73 -28.68
C ALA A 471 -4.93 8.28 -29.22
N ASP A 472 -4.37 7.16 -28.76
CA ASP A 472 -3.04 6.77 -29.21
C ASP A 472 -3.06 6.37 -30.68
N GLU A 473 -1.94 6.58 -31.35
CA GLU A 473 -1.74 5.99 -32.66
C GLU A 473 -1.83 4.46 -32.56
N ARG A 474 -2.11 3.84 -33.70
CA ARG A 474 -2.00 2.39 -33.80
C ARG A 474 -1.12 2.09 -35.00
N LEU A 475 -0.01 1.39 -34.75
CA LEU A 475 0.92 1.06 -35.82
C LEU A 475 0.29 0.04 -36.76
N PRO A 476 0.83 -0.11 -37.97
CA PRO A 476 0.32 -1.14 -38.87
C PRO A 476 0.51 -2.53 -38.27
N GLU A 477 -0.38 -3.44 -38.65
CA GLU A 477 -0.24 -4.85 -38.31
C GLU A 477 1.12 -5.38 -38.75
N LEU A 478 1.72 -6.22 -37.91
CA LEU A 478 2.90 -6.95 -38.33
C LEU A 478 2.47 -8.20 -39.07
N THR A 479 3.17 -8.54 -40.15
CA THR A 479 2.81 -9.72 -40.93
C THR A 479 3.80 -10.86 -40.76
N ALA A 480 4.81 -10.70 -39.92
CA ALA A 480 5.82 -11.71 -39.65
C ALA A 480 6.24 -11.57 -38.20
N PRO A 481 6.78 -12.62 -37.59
CA PRO A 481 7.32 -12.46 -36.24
C PRO A 481 8.42 -11.41 -36.26
N PRO A 482 8.34 -10.40 -35.39
CA PRO A 482 9.29 -9.28 -35.45
C PRO A 482 10.66 -9.59 -34.84
N PHE A 483 11.33 -10.59 -35.39
CA PHE A 483 12.72 -10.84 -35.02
C PHE A 483 13.65 -9.78 -35.62
N LEU A 484 14.69 -9.40 -34.89
CA LEU A 484 15.75 -8.58 -35.47
C LEU A 484 16.70 -9.44 -36.28
N PRO A 485 17.39 -8.87 -37.28
CA PRO A 485 18.31 -9.68 -38.08
C PRO A 485 19.41 -10.35 -37.27
N GLU A 486 19.93 -9.66 -36.25
CA GLU A 486 20.98 -10.27 -35.42
C GLU A 486 20.44 -11.46 -34.67
N GLU A 487 19.13 -11.48 -34.39
CA GLU A 487 18.54 -12.58 -33.65
C GLU A 487 18.38 -13.81 -34.53
N LEU A 488 17.81 -13.63 -35.73
CA LEU A 488 17.76 -14.72 -36.71
C LEU A 488 19.13 -15.29 -37.00
N ALA A 489 20.17 -14.45 -37.10
CA ALA A 489 21.52 -14.95 -37.29
C ALA A 489 21.93 -15.92 -36.18
N VAL A 490 21.58 -15.63 -34.93
CA VAL A 490 21.97 -16.50 -33.82
C VAL A 490 21.42 -17.91 -34.01
N VAL A 491 20.13 -18.03 -34.36
CA VAL A 491 19.53 -19.37 -34.45
C VAL A 491 19.59 -19.88 -35.88
N GLY A 492 20.28 -19.14 -36.74
CA GLY A 492 20.51 -19.59 -38.10
C GLY A 492 19.24 -19.81 -38.89
N LEU A 493 18.21 -19.01 -38.65
CA LEU A 493 17.03 -19.02 -39.51
C LEU A 493 17.08 -17.86 -40.48
N ASP A 494 16.30 -17.98 -41.54
CA ASP A 494 16.14 -16.93 -42.53
C ASP A 494 14.74 -16.36 -42.43
N ALA A 495 14.62 -15.04 -42.61
CA ALA A 495 13.31 -14.38 -42.58
C ALA A 495 12.30 -15.13 -43.45
N ALA A 496 12.72 -15.55 -44.64
CA ALA A 496 11.84 -16.36 -45.48
C ALA A 496 11.83 -17.81 -45.02
N THR B 20 -23.91 2.04 -11.49
CA THR B 20 -22.76 1.86 -12.37
C THR B 20 -21.63 2.82 -11.96
N ARG B 21 -20.71 3.07 -12.88
CA ARG B 21 -19.52 3.86 -12.58
C ARG B 21 -19.89 5.34 -12.47
N PRO B 22 -19.33 6.06 -11.49
CA PRO B 22 -19.72 7.48 -11.32
C PRO B 22 -19.30 8.31 -12.51
N ALA B 23 -20.20 9.19 -12.95
CA ALA B 23 -19.94 10.10 -14.07
C ALA B 23 -19.74 11.54 -13.63
N HIS B 24 -20.29 11.94 -12.49
CA HIS B 24 -20.15 13.28 -11.96
C HIS B 24 -19.92 13.19 -10.45
N ALA B 25 -18.79 13.69 -9.99
CA ALA B 25 -18.48 13.78 -8.57
C ALA B 25 -18.50 15.24 -8.15
N VAL B 26 -19.08 15.52 -6.99
CA VAL B 26 -19.09 16.85 -6.40
C VAL B 26 -18.29 16.81 -5.10
N VAL B 27 -17.28 17.67 -5.02
CA VAL B 27 -16.42 17.78 -3.84
C VAL B 27 -16.89 19.01 -3.05
N LEU B 28 -17.26 18.81 -1.79
CA LEU B 28 -17.65 19.92 -0.92
C LEU B 28 -16.46 20.36 -0.08
N GLY B 29 -15.92 21.53 -0.38
CA GLY B 29 -14.73 22.01 0.27
C GLY B 29 -13.52 22.00 -0.65
N ALA B 30 -12.81 23.11 -0.69
CA ALA B 30 -11.66 23.29 -1.54
C ALA B 30 -10.41 23.67 -0.73
N SER B 31 -10.33 23.22 0.51
CA SER B 31 -9.06 23.30 1.21
C SER B 31 -8.20 22.10 0.82
N MET B 32 -7.32 21.66 1.72
CA MET B 32 -6.28 20.72 1.32
C MET B 32 -6.87 19.39 0.91
N ALA B 33 -7.83 18.90 1.69
CA ALA B 33 -8.45 17.62 1.38
C ALA B 33 -9.28 17.70 0.09
N GLY B 34 -10.12 18.73 -0.02
CA GLY B 34 -11.00 18.81 -1.18
C GLY B 34 -10.24 19.02 -2.47
N THR B 35 -9.20 19.85 -2.43
CA THR B 35 -8.40 20.14 -3.61
C THR B 35 -7.67 18.89 -4.11
N LEU B 36 -7.06 18.13 -3.19
CA LEU B 36 -6.39 16.90 -3.59
C LEU B 36 -7.38 15.86 -4.08
N ALA B 37 -8.52 15.71 -3.41
CA ALA B 37 -9.53 14.75 -3.84
C ALA B 37 -10.11 15.13 -5.20
N ALA B 38 -10.39 16.42 -5.42
CA ALA B 38 -10.90 16.85 -6.71
C ALA B 38 -9.91 16.50 -7.82
N HIS B 39 -8.63 16.77 -7.60
CA HIS B 39 -7.62 16.41 -8.58
C HIS B 39 -7.65 14.91 -8.87
N VAL B 40 -7.73 14.10 -7.81
CA VAL B 40 -7.66 12.65 -7.99
C VAL B 40 -8.91 12.15 -8.69
N LEU B 41 -10.08 12.69 -8.31
CA LEU B 41 -11.31 12.16 -8.86
C LEU B 41 -11.45 12.51 -10.34
N ALA B 42 -10.96 13.67 -10.76
CA ALA B 42 -11.06 14.05 -12.16
C ALA B 42 -10.26 13.13 -13.09
N ARG B 43 -9.27 12.40 -12.55
CA ARG B 43 -8.62 11.35 -13.33
C ARG B 43 -9.54 10.15 -13.57
N HIS B 44 -10.57 9.98 -12.73
CA HIS B 44 -11.36 8.76 -12.76
C HIS B 44 -12.81 8.95 -13.14
N VAL B 45 -13.29 10.19 -13.12
CA VAL B 45 -14.70 10.51 -13.25
C VAL B 45 -14.82 11.60 -14.31
N ASP B 46 -15.87 11.52 -15.13
CA ASP B 46 -15.94 12.36 -16.31
C ASP B 46 -15.97 13.83 -15.93
N ALA B 47 -16.78 14.18 -14.94
CA ALA B 47 -16.85 15.56 -14.46
C ALA B 47 -16.78 15.64 -12.94
N VAL B 48 -16.04 16.63 -12.47
CA VAL B 48 -15.97 16.99 -11.05
C VAL B 48 -16.34 18.45 -10.88
N THR B 49 -17.24 18.71 -9.93
CA THR B 49 -17.59 20.05 -9.48
C THR B 49 -17.07 20.25 -8.06
N VAL B 50 -16.28 21.31 -7.85
CA VAL B 50 -15.83 21.68 -6.52
C VAL B 50 -16.71 22.83 -6.03
N VAL B 51 -17.27 22.67 -4.83
CA VAL B 51 -18.10 23.67 -4.17
C VAL B 51 -17.32 24.25 -3.00
N GLU B 52 -17.19 25.58 -2.97
CA GLU B 52 -16.39 26.27 -1.96
C GLU B 52 -17.05 27.58 -1.55
N ARG B 53 -17.21 27.78 -0.24
CA ARG B 53 -17.88 28.95 0.31
C ARG B 53 -17.08 30.23 0.06
N ASP B 54 -15.75 30.15 0.13
CA ASP B 54 -14.92 31.32 -0.01
C ASP B 54 -14.63 31.64 -1.47
N ALA B 55 -14.11 32.84 -1.69
CA ALA B 55 -13.39 33.16 -2.90
C ALA B 55 -11.94 32.68 -2.74
N LEU B 56 -11.44 31.97 -3.73
CA LEU B 56 -10.07 31.47 -3.65
C LEU B 56 -9.12 32.50 -4.24
N PRO B 57 -8.15 32.99 -3.47
CA PRO B 57 -7.27 34.04 -3.99
C PRO B 57 -6.27 33.48 -4.99
N GLU B 58 -5.94 34.30 -5.97
CA GLU B 58 -4.84 34.00 -6.88
C GLU B 58 -3.50 34.43 -6.30
N GLU B 59 -3.52 34.88 -5.05
CA GLU B 59 -2.39 35.44 -4.35
C GLU B 59 -2.31 34.77 -2.98
N PRO B 60 -1.09 34.46 -2.51
CA PRO B 60 -0.96 33.76 -1.21
C PRO B 60 -1.46 34.62 -0.06
N GLN B 61 -2.78 34.76 0.04
CA GLN B 61 -3.43 35.54 1.08
C GLN B 61 -4.30 34.62 1.92
N HIS B 62 -4.46 34.97 3.19
CA HIS B 62 -5.34 34.20 4.05
C HIS B 62 -6.78 34.35 3.57
N ARG B 63 -7.65 33.44 4.01
CA ARG B 63 -9.06 33.54 3.70
C ARG B 63 -9.86 33.04 4.90
N LYS B 64 -11.16 33.37 4.90
CA LYS B 64 -12.02 33.13 6.07
C LYS B 64 -12.17 31.64 6.39
N GLY B 65 -12.47 30.84 5.37
CA GLY B 65 -12.91 29.47 5.58
C GLY B 65 -11.86 28.53 6.13
N VAL B 66 -10.60 28.96 6.16
CA VAL B 66 -9.50 28.20 6.77
C VAL B 66 -8.87 29.05 7.85
N PRO B 67 -9.54 29.24 8.99
CA PRO B 67 -8.99 30.13 10.03
C PRO B 67 -7.71 29.59 10.65
N GLN B 68 -7.50 28.28 10.63
CA GLN B 68 -6.34 27.70 11.28
C GLN B 68 -5.04 27.97 10.52
N ALA B 69 -5.15 28.48 9.29
CA ALA B 69 -3.98 28.83 8.51
C ALA B 69 -3.11 29.90 9.17
N ARG B 70 -3.66 30.65 10.13
CA ARG B 70 -2.87 31.68 10.80
C ARG B 70 -1.87 31.08 11.80
N HIS B 71 -1.86 29.78 12.00
CA HIS B 71 -0.97 29.10 12.94
C HIS B 71 0.14 28.33 12.24
N ALA B 72 1.12 27.92 13.04
CA ALA B 72 2.19 27.06 12.57
C ALA B 72 1.62 25.86 11.86
N HIS B 73 2.12 25.60 10.65
CA HIS B 73 1.77 24.40 9.90
C HIS B 73 3.05 23.75 9.41
N LEU B 74 3.24 22.49 9.77
CA LEU B 74 4.27 21.63 9.21
C LEU B 74 3.62 20.67 8.25
N LEU B 75 4.15 20.56 7.04
CA LEU B 75 3.74 19.52 6.09
C LEU B 75 4.78 18.43 6.19
N TRP B 76 4.48 17.40 6.99
CA TRP B 76 5.44 16.32 7.18
C TRP B 76 5.74 15.61 5.87
N SER B 77 6.91 14.96 5.83
CA SER B 77 7.37 14.22 4.65
C SER B 77 6.31 13.24 4.12
N ASN B 78 5.57 12.57 5.01
CA ASN B 78 4.49 11.72 4.54
C ASN B 78 3.57 12.48 3.58
N GLY B 79 3.00 13.58 4.07
CA GLY B 79 2.09 14.34 3.24
C GLY B 79 2.79 15.01 2.07
N ALA B 80 4.01 15.50 2.29
CA ALA B 80 4.74 16.17 1.23
C ALA B 80 5.05 15.21 0.08
N ARG B 81 5.45 13.97 0.39
CA ARG B 81 5.77 13.03 -0.69
C ARG B 81 4.51 12.56 -1.40
N LEU B 82 3.41 12.37 -0.67
CA LEU B 82 2.16 11.99 -1.30
C LEU B 82 1.68 13.08 -2.24
N ILE B 83 1.80 14.35 -1.83
CA ILE B 83 1.38 15.46 -2.68
C ILE B 83 2.30 15.58 -3.90
N GLU B 84 3.61 15.35 -3.70
CA GLU B 84 4.54 15.44 -4.81
C GLU B 84 4.29 14.33 -5.84
N GLU B 85 3.87 13.15 -5.38
CA GLU B 85 3.55 12.11 -6.35
C GLU B 85 2.25 12.40 -7.08
N MET B 86 1.24 12.97 -6.42
CA MET B 86 0.03 13.38 -7.15
C MET B 86 0.28 14.60 -8.03
N LEU B 87 1.13 15.53 -7.60
CA LEU B 87 1.33 16.83 -8.26
C LEU B 87 2.81 17.12 -8.46
N PRO B 88 3.43 16.50 -9.46
CA PRO B 88 4.89 16.66 -9.63
C PRO B 88 5.28 18.10 -9.85
N GLY B 89 6.28 18.55 -9.09
CA GLY B 89 6.76 19.91 -9.16
C GLY B 89 6.33 20.79 -8.01
N THR B 90 5.39 20.34 -7.18
CA THR B 90 4.86 21.17 -6.11
C THR B 90 5.95 21.57 -5.11
N THR B 91 6.78 20.60 -4.69
CA THR B 91 7.84 20.90 -3.73
C THR B 91 8.78 21.98 -4.26
N ASP B 92 9.28 21.79 -5.49
CA ASP B 92 10.18 22.79 -6.04
C ASP B 92 9.50 24.15 -6.19
N ARG B 93 8.21 24.15 -6.55
CA ARG B 93 7.50 25.43 -6.62
C ARG B 93 7.42 26.09 -5.25
N LEU B 94 7.15 25.29 -4.21
CA LEU B 94 7.07 25.84 -2.86
C LEU B 94 8.40 26.44 -2.44
N LEU B 95 9.49 25.71 -2.64
CA LEU B 95 10.82 26.22 -2.32
C LEU B 95 11.13 27.50 -3.07
N ALA B 96 10.86 27.52 -4.38
CA ALA B 96 11.07 28.75 -5.15
C ALA B 96 10.25 29.91 -4.60
N ALA B 97 9.11 29.61 -3.99
CA ALA B 97 8.24 30.61 -3.39
C ALA B 97 8.61 30.98 -1.96
N GLY B 98 9.72 30.45 -1.44
CA GLY B 98 10.19 30.85 -0.13
C GLY B 98 9.93 29.86 0.99
N ALA B 99 9.31 28.72 0.72
CA ALA B 99 9.17 27.68 1.71
C ALA B 99 10.55 27.15 2.11
N ARG B 100 10.61 26.46 3.25
CA ARG B 100 11.86 25.88 3.72
C ARG B 100 11.65 24.42 4.04
N ARG B 101 12.59 23.59 3.58
CA ARG B 101 12.58 22.16 3.84
C ARG B 101 13.42 21.95 5.10
N LEU B 102 12.74 21.73 6.22
CA LEU B 102 13.38 21.51 7.52
C LEU B 102 13.62 20.02 7.72
N GLY B 103 14.89 19.66 7.90
CA GLY B 103 15.24 18.29 8.19
C GLY B 103 15.08 18.03 9.68
N PHE B 104 14.53 16.87 9.99
CA PHE B 104 14.40 16.45 11.37
C PHE B 104 15.37 15.30 11.68
N PRO B 105 16.08 15.36 12.80
CA PRO B 105 16.03 16.42 13.84
C PRO B 105 17.04 17.54 13.63
N GLU B 106 17.80 17.47 12.54
CA GLU B 106 18.99 18.30 12.37
C GLU B 106 18.68 19.78 12.39
N ASP B 107 17.58 20.21 11.75
CA ASP B 107 17.27 21.63 11.60
C ASP B 107 16.36 22.19 12.69
N LEU B 108 16.26 21.53 13.84
CA LEU B 108 15.47 22.02 14.95
C LEU B 108 16.27 21.90 16.24
N VAL B 109 16.11 22.87 17.14
CA VAL B 109 16.52 22.70 18.53
C VAL B 109 15.24 22.52 19.33
N THR B 110 15.12 21.35 19.96
CA THR B 110 13.87 20.86 20.54
C THR B 110 14.12 20.41 21.96
N LEU B 111 13.31 20.90 22.89
CA LEU B 111 13.34 20.49 24.28
C LEU B 111 12.13 19.60 24.56
N THR B 112 12.40 18.34 24.88
CA THR B 112 11.34 17.40 25.23
C THR B 112 11.30 17.27 26.74
N GLY B 113 10.31 16.53 27.24
CA GLY B 113 10.25 16.27 28.67
C GLY B 113 11.46 15.53 29.20
N GLN B 114 12.26 14.95 28.32
CA GLN B 114 13.43 14.16 28.67
C GLN B 114 14.73 14.89 28.46
N GLY B 115 14.71 16.08 27.85
CA GLY B 115 15.92 16.85 27.61
C GLY B 115 15.99 17.33 26.17
N TRP B 116 17.14 17.94 25.84
CA TRP B 116 17.35 18.49 24.51
C TRP B 116 17.62 17.39 23.50
N GLN B 117 17.01 17.52 22.31
CA GLN B 117 17.24 16.59 21.21
C GLN B 117 18.59 16.87 20.55
N HIS B 118 19.44 15.84 20.45
CA HIS B 118 20.67 15.97 19.67
C HIS B 118 20.34 16.17 18.20
N ARG B 119 21.05 17.09 17.55
CA ARG B 119 20.69 17.47 16.17
C ARG B 119 21.40 16.53 15.19
N PHE B 120 20.97 15.26 15.24
CA PHE B 120 21.47 14.21 14.36
C PHE B 120 21.18 14.56 12.89
N PRO B 121 21.98 14.02 11.96
CA PRO B 121 21.69 14.23 10.54
C PRO B 121 20.24 13.86 10.23
N ALA B 122 19.58 14.71 9.45
CA ALA B 122 18.15 14.56 9.23
C ALA B 122 17.83 13.20 8.62
N THR B 123 16.78 12.56 9.16
CA THR B 123 16.26 11.29 8.67
C THR B 123 14.84 11.39 8.13
N GLN B 124 14.14 12.49 8.43
CA GLN B 124 12.90 12.88 7.78
C GLN B 124 12.95 14.38 7.59
N PHE B 125 11.86 14.92 7.05
CA PHE B 125 11.76 16.35 6.83
C PHE B 125 10.31 16.79 6.90
N ALA B 126 10.13 18.09 6.99
CA ALA B 126 8.83 18.71 6.75
C ALA B 126 9.07 19.99 5.97
N LEU B 127 8.11 20.36 5.13
CA LEU B 127 8.16 21.62 4.41
C LEU B 127 7.42 22.66 5.24
N VAL B 128 8.02 23.84 5.39
CA VAL B 128 7.42 24.89 6.18
C VAL B 128 7.25 26.14 5.31
N ALA B 129 6.02 26.63 5.26
CA ALA B 129 5.64 27.81 4.52
C ALA B 129 4.38 28.34 5.17
N SER B 130 4.08 29.61 4.90
CA SER B 130 2.75 30.11 5.16
C SER B 130 1.72 29.15 4.59
N ARG B 131 0.67 28.88 5.37
CA ARG B 131 -0.38 28.01 4.90
C ARG B 131 -1.09 28.56 3.66
N PRO B 132 -1.38 29.87 3.56
CA PRO B 132 -1.92 30.40 2.29
C PRO B 132 -1.00 30.19 1.08
N LEU B 133 0.32 30.22 1.24
CA LEU B 133 1.18 29.92 0.10
C LEU B 133 1.08 28.44 -0.30
N LEU B 134 1.05 27.55 0.68
CA LEU B 134 0.99 26.13 0.37
C LEU B 134 -0.32 25.78 -0.34
N ASP B 135 -1.44 26.32 0.13
CA ASP B 135 -2.73 26.05 -0.51
C ASP B 135 -2.76 26.58 -1.94
N LEU B 136 -2.31 27.82 -2.12
CA LEU B 136 -2.29 28.40 -3.46
C LEU B 136 -1.43 27.54 -4.39
N THR B 137 -0.24 27.16 -3.94
CA THR B 137 0.64 26.33 -4.76
C THR B 137 -0.03 25.01 -5.13
N VAL B 138 -0.76 24.41 -4.18
CA VAL B 138 -1.40 23.13 -4.48
C VAL B 138 -2.60 23.35 -5.41
N ARG B 139 -3.40 24.39 -5.16
CA ARG B 139 -4.52 24.69 -6.05
C ARG B 139 -4.04 24.96 -7.47
N GLN B 140 -2.98 25.78 -7.61
CA GLN B 140 -2.43 26.10 -8.92
C GLN B 140 -2.19 24.83 -9.73
N GLN B 141 -1.52 23.85 -9.12
CA GLN B 141 -1.16 22.60 -9.78
C GLN B 141 -2.32 21.61 -9.89
N ALA B 142 -3.35 21.75 -9.06
CA ALA B 142 -4.36 20.69 -8.93
C ALA B 142 -5.69 20.97 -9.59
N LEU B 143 -6.16 22.22 -9.62
CA LEU B 143 -7.53 22.51 -10.06
C LEU B 143 -7.61 23.06 -11.46
N GLY B 144 -6.54 22.98 -12.25
CA GLY B 144 -6.54 23.45 -13.61
C GLY B 144 -6.98 22.44 -14.65
N ALA B 145 -7.44 21.27 -14.24
CA ALA B 145 -7.88 20.25 -15.19
C ALA B 145 -9.17 20.67 -15.88
N ASP B 146 -9.26 20.33 -17.16
CA ASP B 146 -10.37 20.80 -17.99
C ASP B 146 -11.71 20.24 -17.55
N ASN B 147 -11.75 19.13 -16.81
CA ASN B 147 -13.00 18.54 -16.38
C ASN B 147 -13.32 18.82 -14.90
N ILE B 148 -12.64 19.79 -14.30
CA ILE B 148 -12.96 20.30 -12.97
C ILE B 148 -13.53 21.70 -13.09
N THR B 149 -14.71 21.93 -12.52
CA THR B 149 -15.28 23.27 -12.45
C THR B 149 -15.35 23.69 -10.99
N VAL B 150 -14.66 24.77 -10.66
CA VAL B 150 -14.60 25.29 -9.31
C VAL B 150 -15.70 26.34 -9.16
N ARG B 151 -16.61 26.12 -8.23
CA ARG B 151 -17.70 27.04 -7.95
C ARG B 151 -17.40 27.77 -6.64
N GLN B 152 -16.68 28.89 -6.75
CA GLN B 152 -16.32 29.72 -5.60
C GLN B 152 -17.53 30.48 -5.09
N ARG B 153 -17.36 31.07 -3.90
CA ARG B 153 -18.43 31.77 -3.18
C ARG B 153 -19.77 31.05 -3.34
N THR B 154 -19.72 29.74 -3.13
CA THR B 154 -20.89 28.87 -3.22
C THR B 154 -20.91 27.94 -2.00
N GLU B 155 -22.02 27.95 -1.28
CA GLU B 155 -22.15 27.21 -0.02
C GLU B 155 -22.94 25.93 -0.25
N ALA B 156 -22.41 24.81 0.27
CA ALA B 156 -23.16 23.57 0.30
C ALA B 156 -24.14 23.62 1.46
N VAL B 157 -25.43 23.60 1.17
CA VAL B 157 -26.45 23.74 2.20
C VAL B 157 -26.76 22.42 2.88
N GLU B 158 -27.03 21.37 2.10
CA GLU B 158 -27.33 20.06 2.65
C GLU B 158 -27.38 19.07 1.50
N LEU B 159 -27.49 17.80 1.84
CA LEU B 159 -27.42 16.73 0.85
C LEU B 159 -28.82 16.29 0.43
N THR B 160 -28.91 15.75 -0.78
CA THR B 160 -30.14 15.20 -1.31
C THR B 160 -30.00 13.68 -1.38
N GLY B 161 -31.07 12.99 -1.04
CA GLY B 161 -30.95 11.56 -0.77
C GLY B 161 -32.21 10.80 -1.14
N SER B 162 -32.04 9.49 -1.26
CA SER B 162 -33.13 8.59 -1.59
C SER B 162 -33.11 7.36 -0.69
N SER B 166 -30.36 -0.99 1.70
CA SER B 166 -30.51 -0.71 3.12
C SER B 166 -30.49 0.79 3.40
N GLY B 167 -29.29 1.36 3.41
CA GLY B 167 -29.06 2.71 3.89
C GLY B 167 -29.11 3.83 2.87
N GLY B 168 -29.73 3.59 1.72
CA GLY B 168 -30.12 4.69 0.84
C GLY B 168 -29.02 5.14 -0.10
N ARG B 169 -29.21 6.37 -0.61
CA ARG B 169 -28.37 6.91 -1.67
C ARG B 169 -28.33 8.42 -1.59
N VAL B 170 -27.13 8.99 -1.48
CA VAL B 170 -26.99 10.43 -1.68
C VAL B 170 -27.00 10.68 -3.17
N THR B 171 -27.93 11.52 -3.62
CA THR B 171 -28.12 11.80 -5.04
C THR B 171 -27.64 13.19 -5.44
N GLY B 172 -27.30 14.05 -4.50
CA GLY B 172 -26.96 15.41 -4.86
C GLY B 172 -26.82 16.29 -3.64
N VAL B 173 -26.62 17.57 -3.91
CA VAL B 173 -26.35 18.57 -2.89
C VAL B 173 -27.18 19.80 -3.20
N VAL B 174 -27.93 20.27 -2.19
CA VAL B 174 -28.60 21.57 -2.28
C VAL B 174 -27.52 22.64 -2.11
N VAL B 175 -27.41 23.54 -3.08
CA VAL B 175 -26.31 24.49 -3.04
C VAL B 175 -26.85 25.91 -3.03
N ARG B 176 -26.05 26.84 -2.49
CA ARG B 176 -26.43 28.24 -2.31
C ARG B 176 -25.42 29.15 -3.01
N ASP B 177 -25.85 29.82 -4.07
CA ASP B 177 -25.08 30.94 -4.58
C ASP B 177 -25.25 32.13 -3.64
N LEU B 178 -24.13 32.78 -3.28
CA LEU B 178 -24.22 33.82 -2.27
C LEU B 178 -23.90 35.23 -2.76
N ASP B 179 -23.32 35.40 -3.95
CA ASP B 179 -23.33 36.72 -4.57
C ASP B 179 -24.73 37.10 -4.99
N SER B 180 -25.44 36.16 -5.62
CA SER B 180 -26.89 36.17 -5.70
C SER B 180 -27.43 35.46 -4.46
N GLY B 181 -28.73 35.18 -4.40
CA GLY B 181 -29.22 34.45 -3.24
C GLY B 181 -29.77 33.09 -3.59
N ARG B 182 -29.71 32.75 -4.88
CA ARG B 182 -30.48 31.62 -5.42
C ARG B 182 -29.92 30.30 -4.93
N GLN B 183 -30.77 29.49 -4.29
CA GLN B 183 -30.40 28.10 -4.05
C GLN B 183 -30.66 27.27 -5.29
N GLU B 184 -30.12 26.05 -5.27
CA GLU B 184 -30.05 25.26 -6.49
C GLU B 184 -29.71 23.83 -6.11
N GLN B 185 -30.39 22.88 -6.75
CA GLN B 185 -30.09 21.47 -6.52
C GLN B 185 -29.00 21.08 -7.52
N LEU B 186 -27.90 20.53 -7.00
CA LEU B 186 -26.75 20.09 -7.79
C LEU B 186 -26.73 18.56 -7.78
N GLU B 187 -27.14 17.96 -8.89
CA GLU B 187 -27.16 16.49 -8.98
C GLU B 187 -25.74 15.94 -9.09
N ALA B 188 -25.54 14.73 -8.55
CA ALA B 188 -24.25 14.06 -8.59
C ALA B 188 -24.42 12.56 -8.30
N ASP B 189 -23.53 11.75 -8.88
CA ASP B 189 -23.42 10.33 -8.57
C ASP B 189 -22.53 10.03 -7.39
N LEU B 190 -21.63 10.95 -7.05
CA LEU B 190 -20.71 10.83 -5.93
C LEU B 190 -20.53 12.19 -5.30
N VAL B 191 -20.71 12.25 -3.98
CA VAL B 191 -20.52 13.47 -3.21
C VAL B 191 -19.44 13.21 -2.17
N ILE B 192 -18.47 14.11 -2.09
CA ILE B 192 -17.36 13.99 -1.15
C ILE B 192 -17.48 15.11 -0.14
N ASP B 193 -17.57 14.77 1.14
CA ASP B 193 -17.57 15.79 2.19
C ASP B 193 -16.13 16.10 2.55
N ALA B 194 -15.67 17.29 2.15
CA ALA B 194 -14.34 17.75 2.51
C ALA B 194 -14.40 19.12 3.20
N THR B 195 -15.47 19.36 3.95
CA THR B 195 -15.74 20.68 4.51
C THR B 195 -15.09 20.90 5.88
N GLY B 196 -14.26 19.96 6.33
CA GLY B 196 -13.39 20.21 7.47
C GLY B 196 -14.01 19.88 8.81
N ARG B 197 -13.27 20.30 9.85
CA ARG B 197 -13.65 19.99 11.23
C ARG B 197 -15.03 20.54 11.55
N GLY B 198 -15.40 21.66 10.94
CA GLY B 198 -16.69 22.26 11.17
C GLY B 198 -17.81 21.71 10.31
N SER B 199 -17.60 20.57 9.67
CA SER B 199 -18.59 20.07 8.74
C SER B 199 -19.90 19.81 9.46
N ARG B 200 -21.00 20.05 8.76
CA ARG B 200 -22.32 19.71 9.24
C ARG B 200 -22.74 18.30 8.83
N LEU B 201 -21.78 17.38 8.61
CA LEU B 201 -22.12 16.06 8.09
C LEU B 201 -23.13 15.36 8.98
N LYS B 202 -22.98 15.50 10.30
CA LYS B 202 -23.89 14.81 11.20
C LYS B 202 -25.32 15.34 11.05
N GLN B 203 -25.46 16.65 10.85
CA GLN B 203 -26.78 17.21 10.56
C GLN B 203 -27.33 16.64 9.27
N TRP B 204 -26.54 16.70 8.20
CA TRP B 204 -26.99 16.26 6.90
C TRP B 204 -27.40 14.80 6.92
N LEU B 205 -26.61 13.96 7.61
CA LEU B 205 -26.90 12.54 7.71
C LEU B 205 -28.21 12.31 8.45
N ALA B 206 -28.38 13.01 9.58
CA ALA B 206 -29.61 12.88 10.35
C ALA B 206 -30.82 13.20 9.50
N ALA B 207 -30.75 14.30 8.72
CA ALA B 207 -31.87 14.69 7.86
C ALA B 207 -32.22 13.61 6.84
N LEU B 208 -31.21 12.93 6.29
CA LEU B 208 -31.45 11.88 5.33
C LEU B 208 -32.03 10.62 5.97
N GLY B 209 -32.13 10.57 7.30
CA GLY B 209 -32.57 9.37 7.96
C GLY B 209 -31.49 8.31 8.09
N VAL B 210 -30.24 8.72 8.20
CA VAL B 210 -29.11 7.80 8.38
C VAL B 210 -28.89 7.60 9.88
N PRO B 211 -28.72 6.37 10.37
CA PRO B 211 -28.37 6.18 11.78
C PRO B 211 -27.09 6.93 12.14
N ALA B 212 -26.95 7.26 13.42
CA ALA B 212 -25.80 8.05 13.83
C ALA B 212 -24.53 7.20 13.80
N LEU B 213 -23.41 7.86 13.47
CA LEU B 213 -22.12 7.22 13.33
C LEU B 213 -21.46 6.95 14.68
N GLU B 214 -20.66 5.90 14.73
CA GLU B 214 -19.73 5.72 15.84
C GLU B 214 -18.61 6.74 15.76
N GLU B 215 -18.13 7.19 16.92
CA GLU B 215 -17.17 8.28 16.98
C GLU B 215 -16.30 8.16 18.23
N ASP B 216 -14.98 8.33 18.05
CA ASP B 216 -14.04 8.37 19.17
C ASP B 216 -13.49 9.78 19.35
N VAL B 217 -13.38 10.21 20.60
CA VAL B 217 -12.77 11.49 20.95
C VAL B 217 -11.76 11.27 22.05
N VAL B 218 -10.59 11.90 21.91
CA VAL B 218 -9.64 12.08 23.00
C VAL B 218 -9.31 13.57 22.97
N ASP B 219 -9.85 14.32 23.92
CA ASP B 219 -9.85 15.79 23.90
C ASP B 219 -9.03 16.32 25.06
N ALA B 220 -7.78 16.70 24.78
CA ALA B 220 -6.93 17.30 25.78
C ALA B 220 -7.19 18.79 25.98
N GLY B 221 -8.14 19.37 25.24
CA GLY B 221 -8.45 20.77 25.36
C GLY B 221 -7.31 21.67 24.94
N VAL B 222 -6.74 21.39 23.78
CA VAL B 222 -5.58 22.14 23.31
C VAL B 222 -6.03 23.46 22.71
N ALA B 223 -5.30 24.53 23.01
CA ALA B 223 -5.54 25.85 22.43
C ALA B 223 -4.23 26.44 21.92
N TYR B 224 -4.34 27.35 20.96
CA TYR B 224 -3.20 27.92 20.25
C TYR B 224 -3.24 29.46 20.30
N ALA B 225 -2.06 30.08 20.38
CA ALA B 225 -1.92 31.54 20.21
C ALA B 225 -0.72 31.83 19.32
N THR B 226 -0.90 32.70 18.33
CA THR B 226 0.13 32.86 17.31
C THR B 226 0.35 34.32 16.96
N ARG B 227 1.59 34.66 16.69
CA ARG B 227 1.91 35.96 16.12
C ARG B 227 3.01 35.81 15.08
N LEU B 228 2.94 36.66 14.07
CA LEU B 228 3.98 36.84 13.07
C LEU B 228 4.99 37.86 13.54
N PHE B 229 6.25 37.64 13.17
CA PHE B 229 7.33 38.54 13.54
C PHE B 229 8.25 38.69 12.35
N LYS B 230 8.74 39.92 12.12
CA LYS B 230 9.87 40.09 11.25
C LYS B 230 11.09 39.41 11.89
N ALA B 231 11.89 38.74 11.08
CA ALA B 231 13.04 38.00 11.56
C ALA B 231 14.33 38.73 11.20
N PRO B 232 15.42 38.45 11.91
CA PRO B 232 16.70 39.06 11.54
C PRO B 232 17.07 38.71 10.11
N PRO B 233 17.79 39.61 9.41
CA PRO B 233 18.21 39.33 8.03
C PRO B 233 19.03 38.05 7.94
N GLY B 234 18.44 37.02 7.34
CA GLY B 234 19.06 35.73 7.29
C GLY B 234 18.61 34.77 8.36
N ALA B 235 17.63 35.13 9.18
CA ALA B 235 17.18 34.23 10.24
C ALA B 235 16.34 33.09 9.68
N THR B 236 15.52 33.36 8.66
CA THR B 236 14.70 32.29 8.11
C THR B 236 15.52 31.28 7.32
N THR B 237 16.71 31.66 6.87
CA THR B 237 17.52 30.79 6.02
C THR B 237 18.48 29.93 6.83
N HIS B 238 19.03 30.48 7.92
CA HIS B 238 20.13 29.87 8.63
C HIS B 238 19.86 29.56 10.09
N PHE B 239 18.73 30.01 10.65
CA PHE B 239 18.43 29.79 12.05
C PHE B 239 17.40 28.67 12.16
N PRO B 240 17.69 27.59 12.90
CA PRO B 240 16.80 26.44 12.94
C PRO B 240 15.46 26.79 13.57
N ALA B 241 14.46 25.97 13.28
CA ALA B 241 13.21 26.02 14.01
C ALA B 241 13.49 25.72 15.48
N VAL B 242 12.57 26.14 16.36
CA VAL B 242 12.79 25.92 17.78
C VAL B 242 11.47 25.43 18.35
N ASN B 243 11.51 24.32 19.10
CA ASN B 243 10.32 23.67 19.65
C ASN B 243 10.57 23.41 21.13
N ILE B 244 9.73 23.98 22.00
CA ILE B 244 9.88 23.80 23.45
C ILE B 244 8.62 23.17 24.02
N ALA B 245 8.80 22.14 24.85
CA ALA B 245 7.70 21.46 25.51
C ALA B 245 7.83 21.53 27.04
N ARG B 249 6.27 17.47 34.62
CA ARG B 249 5.47 16.80 35.63
C ARG B 249 4.19 16.25 34.99
N VAL B 250 3.69 15.14 35.54
CA VAL B 250 2.61 14.38 34.91
C VAL B 250 1.21 14.82 35.35
N ARG B 251 1.10 15.61 36.41
CA ARG B 251 -0.17 16.15 36.83
C ARG B 251 -0.41 17.56 36.31
N GLU B 252 0.47 18.07 35.41
CA GLU B 252 0.34 19.44 34.93
C GLU B 252 -0.17 19.49 33.50
N PRO B 253 -0.96 20.51 33.16
CA PRO B 253 -1.24 20.79 31.76
C PRO B 253 0.07 21.01 31.01
N GLY B 254 0.10 20.54 29.77
CA GLY B 254 1.23 20.85 28.91
C GLY B 254 1.22 22.31 28.46
N ARG B 255 2.42 22.84 28.23
CA ARG B 255 2.58 24.17 27.64
C ARG B 255 3.74 24.10 26.67
N PHE B 256 3.56 24.68 25.49
CA PHE B 256 4.50 24.48 24.39
C PHE B 256 4.68 25.78 23.64
N GLY B 257 5.76 25.83 22.87
CA GLY B 257 6.00 26.95 21.97
C GLY B 257 6.91 26.59 20.83
N VAL B 258 6.59 27.05 19.62
CA VAL B 258 7.40 26.82 18.44
C VAL B 258 7.63 28.16 17.75
N VAL B 259 8.77 28.29 17.08
CA VAL B 259 8.97 29.38 16.11
C VAL B 259 9.49 28.74 14.84
N TYR B 260 8.85 29.07 13.72
CA TYR B 260 9.24 28.46 12.45
C TYR B 260 9.54 29.54 11.42
N PRO B 261 10.59 29.35 10.61
CA PRO B 261 10.87 30.31 9.54
C PRO B 261 9.88 30.16 8.41
N ILE B 262 9.33 31.29 7.98
CA ILE B 262 8.34 31.36 6.91
C ILE B 262 8.82 32.33 5.85
N GLU B 263 8.42 32.09 4.60
CA GLU B 263 8.80 32.89 3.43
C GLU B 263 8.63 34.39 3.66
N GLY B 264 9.39 35.19 2.92
CA GLY B 264 9.39 36.62 3.13
C GLY B 264 10.18 37.08 4.34
N GLY B 265 11.05 36.24 4.89
CA GLY B 265 11.86 36.63 6.03
C GLY B 265 11.07 36.86 7.30
N ARG B 266 10.10 36.01 7.59
CA ARG B 266 9.26 36.20 8.76
C ARG B 266 9.32 34.98 9.68
N TRP B 267 8.96 35.21 10.94
CA TRP B 267 8.81 34.15 11.93
C TRP B 267 7.34 34.02 12.29
N LEU B 268 6.86 32.79 12.35
CA LEU B 268 5.57 32.53 12.95
C LEU B 268 5.81 31.81 14.27
N ALA B 269 5.27 32.34 15.35
CA ALA B 269 5.46 31.78 16.68
C ALA B 269 4.12 31.31 17.21
N THR B 270 4.02 30.03 17.51
CA THR B 270 2.79 29.48 18.05
C THR B 270 3.04 28.95 19.45
N LEU B 271 2.34 29.51 20.42
CA LEU B 271 2.32 28.98 21.77
C LEU B 271 1.04 28.19 21.98
N SER B 272 1.12 27.15 22.78
CA SER B 272 -0.05 26.30 22.98
C SER B 272 -0.01 25.71 24.37
N CYS B 273 -1.16 25.20 24.80
CA CYS B 273 -1.25 24.53 26.09
C CYS B 273 -2.47 23.63 26.09
N THR B 274 -2.47 22.67 27.02
CA THR B 274 -3.61 21.78 27.19
C THR B 274 -4.55 22.32 28.25
N ARG B 275 -5.67 21.63 28.44
CA ARG B 275 -6.76 22.13 29.27
C ARG B 275 -6.28 22.38 30.70
N GLY B 276 -6.57 23.57 31.23
CA GLY B 276 -6.19 23.96 32.56
C GLY B 276 -5.17 25.08 32.60
N ALA B 277 -4.41 25.26 31.53
CA ALA B 277 -3.43 26.33 31.52
C ALA B 277 -4.02 27.61 30.91
N GLN B 278 -3.33 28.72 31.12
CA GLN B 278 -3.77 30.02 30.67
C GLN B 278 -3.04 30.34 29.36
N LEU B 279 -3.79 30.53 28.29
CA LEU B 279 -2.98 30.86 27.15
C LEU B 279 -3.12 32.36 26.85
N PRO B 280 -2.06 33.02 26.36
CA PRO B 280 -2.18 34.43 25.97
C PRO B 280 -3.35 34.72 25.03
N THR B 281 -4.22 35.64 25.44
CA THR B 281 -5.26 36.21 24.59
C THR B 281 -4.88 37.58 24.05
N HIS B 282 -4.20 38.39 24.86
CA HIS B 282 -3.68 39.68 24.46
C HIS B 282 -2.17 39.62 24.33
N GLU B 283 -1.63 40.55 23.55
CA GLU B 283 -0.21 40.46 23.19
C GLU B 283 0.72 40.84 24.33
N ASP B 284 0.23 41.55 25.34
CA ASP B 284 1.05 41.76 26.53
C ASP B 284 1.19 40.51 27.38
N GLU B 285 0.47 39.44 27.01
CA GLU B 285 0.61 38.14 27.65
C GLU B 285 1.48 37.17 26.84
N PHE B 286 1.82 37.53 25.60
CA PHE B 286 2.45 36.59 24.68
C PHE B 286 3.83 36.16 25.14
N ILE B 287 4.79 37.09 25.10
CA ILE B 287 6.18 36.79 25.42
C ILE B 287 6.33 36.30 26.87
N PRO B 288 5.58 36.82 27.85
CA PRO B 288 5.64 36.20 29.19
C PRO B 288 5.33 34.72 29.21
N PHE B 289 4.42 34.25 28.36
CA PHE B 289 4.15 32.82 28.27
C PHE B 289 5.37 32.06 27.75
N ALA B 290 6.00 32.58 26.69
CA ALA B 290 7.23 31.98 26.19
C ALA B 290 8.28 31.90 27.29
N GLU B 291 8.43 32.99 28.06
CA GLU B 291 9.43 33.04 29.13
C GLU B 291 9.20 31.97 30.18
N ASN B 292 7.95 31.60 30.45
CA ASN B 292 7.67 30.62 31.49
C ASN B 292 7.62 29.19 30.97
N LEU B 293 8.20 28.94 29.80
CA LEU B 293 8.40 27.57 29.35
C LEU B 293 9.61 26.99 30.08
N ASN B 294 9.88 25.71 29.85
CA ASN B 294 10.93 24.99 30.59
C ASN B 294 12.30 25.59 30.36
N HIS B 295 12.51 26.25 29.23
CA HIS B 295 13.69 27.07 28.95
C HIS B 295 13.15 28.33 28.28
N PRO B 296 13.65 29.52 28.64
CA PRO B 296 13.05 30.76 28.13
C PRO B 296 13.60 31.25 26.79
N ILE B 297 14.19 30.34 26.02
CA ILE B 297 14.85 30.73 24.77
C ILE B 297 13.90 31.47 23.82
N LEU B 298 12.65 31.00 23.69
CA LEU B 298 11.72 31.64 22.76
C LEU B 298 11.54 33.11 23.09
N ALA B 299 11.23 33.41 24.36
CA ALA B 299 11.13 34.79 24.81
C ALA B 299 12.38 35.58 24.48
N ASP B 300 13.55 34.94 24.65
CA ASP B 300 14.79 35.62 24.30
C ASP B 300 14.95 35.78 22.79
N LEU B 301 14.24 34.99 21.98
CA LEU B 301 14.26 35.17 20.54
C LEU B 301 13.35 36.32 20.11
N LEU B 302 12.13 36.36 20.65
CA LEU B 302 11.12 37.31 20.19
C LEU B 302 11.07 38.56 21.05
N ARG B 303 12.03 38.76 21.94
CA ARG B 303 12.03 39.94 22.79
C ARG B 303 12.16 41.21 21.96
N ASP B 304 13.08 41.22 21.00
CA ASP B 304 13.33 42.38 20.15
C ASP B 304 12.82 42.22 18.73
N ALA B 305 12.28 41.06 18.36
CA ALA B 305 11.77 40.89 17.00
C ALA B 305 10.51 41.73 16.79
N GLU B 306 10.38 42.28 15.58
CA GLU B 306 9.26 43.17 15.28
C GLU B 306 7.99 42.35 15.05
N PRO B 307 6.94 42.54 15.85
CA PRO B 307 5.68 41.81 15.61
C PRO B 307 4.89 42.42 14.46
N LEU B 308 4.39 41.57 13.57
CA LEU B 308 3.68 42.04 12.37
C LEU B 308 2.16 41.92 12.47
N THR B 309 1.65 41.08 13.36
CA THR B 309 0.23 40.86 13.56
C THR B 309 -0.05 40.91 15.05
N PRO B 310 -1.34 41.00 15.47
CA PRO B 310 -1.63 40.67 16.86
C PRO B 310 -1.65 39.16 17.06
N VAL B 311 -2.05 38.68 18.22
CA VAL B 311 -2.05 37.25 18.47
C VAL B 311 -3.38 36.64 18.02
N PHE B 312 -3.29 35.59 17.22
CA PHE B 312 -4.48 34.84 16.79
C PHE B 312 -4.65 33.64 17.70
N GLY B 313 -5.89 33.39 18.10
CA GLY B 313 -6.23 32.27 18.97
C GLY B 313 -7.02 31.22 18.21
N SER B 314 -6.91 29.98 18.68
CA SER B 314 -7.65 28.84 18.13
C SER B 314 -7.79 27.78 19.22
N ARG B 315 -8.99 27.25 19.36
CA ARG B 315 -9.26 26.13 20.26
C ARG B 315 -9.66 24.87 19.48
N SER B 316 -9.12 24.70 18.28
CA SER B 316 -9.41 23.51 17.48
C SER B 316 -8.32 22.47 17.75
N GLY B 317 -8.46 21.77 18.88
CA GLY B 317 -7.35 20.93 19.34
C GLY B 317 -7.67 19.53 19.80
N ALA B 318 -8.83 18.99 19.47
CA ALA B 318 -9.23 17.67 19.92
C ALA B 318 -8.95 16.59 18.86
N ASN B 319 -8.78 15.35 19.32
CA ASN B 319 -8.73 14.18 18.45
C ASN B 319 -10.14 13.60 18.30
N ARG B 320 -10.66 13.60 17.06
CA ARG B 320 -11.98 13.07 16.78
C ARG B 320 -11.89 12.16 15.55
N ARG B 321 -12.67 11.09 15.55
CA ARG B 321 -12.68 10.20 14.41
C ARG B 321 -14.05 9.58 14.27
N LEU B 322 -14.70 9.79 13.13
CA LEU B 322 -15.92 9.08 12.81
C LEU B 322 -15.56 7.77 12.11
N TYR B 323 -16.45 6.78 12.25
CA TYR B 323 -16.26 5.47 11.64
C TYR B 323 -17.37 5.13 10.67
N PRO B 324 -17.51 5.90 9.58
CA PRO B 324 -18.52 5.53 8.57
C PRO B 324 -18.33 4.12 8.05
N GLU B 325 -17.11 3.61 8.07
CA GLU B 325 -16.85 2.27 7.56
C GLU B 325 -17.49 1.20 8.43
N ARG B 326 -17.87 1.52 9.66
CA ARG B 326 -18.56 0.56 10.50
C ARG B 326 -20.09 0.60 10.32
N LEU B 327 -20.61 1.61 9.63
CA LEU B 327 -22.05 1.83 9.59
C LEU B 327 -22.67 0.95 8.50
N GLU B 328 -23.44 -0.04 8.91
CA GLU B 328 -24.03 -0.95 7.94
C GLU B 328 -24.92 -0.23 6.94
N GLN B 329 -25.57 0.86 7.35
CA GLN B 329 -26.50 1.60 6.49
C GLN B 329 -25.90 2.88 5.93
N TRP B 330 -24.60 2.88 5.63
CA TRP B 330 -23.97 4.06 5.05
C TRP B 330 -24.52 4.31 3.64
N PRO B 331 -24.93 5.54 3.32
CA PRO B 331 -25.55 5.77 2.00
C PRO B 331 -24.58 5.63 0.83
N ASP B 332 -25.12 5.15 -0.29
CA ASP B 332 -24.34 5.03 -1.53
C ASP B 332 -24.01 6.40 -2.11
N GLY B 333 -22.82 6.50 -2.70
CA GLY B 333 -22.44 7.73 -3.35
C GLY B 333 -21.99 8.86 -2.43
N LEU B 334 -21.75 8.59 -1.16
CA LEU B 334 -21.20 9.57 -0.25
C LEU B 334 -19.87 9.08 0.32
N LEU B 335 -18.84 9.92 0.23
CA LEU B 335 -17.61 9.70 0.96
C LEU B 335 -17.33 10.90 1.84
N VAL B 336 -16.55 10.68 2.90
CA VAL B 336 -16.16 11.76 3.81
C VAL B 336 -14.67 11.62 4.08
N ILE B 337 -13.94 12.74 3.96
CA ILE B 337 -12.48 12.74 3.97
C ILE B 337 -11.99 13.93 4.79
N GLY B 338 -10.67 13.98 4.98
CA GLY B 338 -10.06 15.08 5.67
C GLY B 338 -10.54 15.25 7.10
N ASP B 339 -10.50 16.51 7.55
CA ASP B 339 -10.80 16.82 8.95
C ASP B 339 -12.22 16.45 9.32
N SER B 340 -13.13 16.49 8.34
CA SER B 340 -14.50 16.12 8.62
C SER B 340 -14.58 14.68 9.11
N LEU B 341 -13.80 13.79 8.49
CA LEU B 341 -13.80 12.39 8.90
C LEU B 341 -13.02 12.19 10.19
N THR B 342 -11.82 12.77 10.29
CA THR B 342 -11.05 12.65 11.53
C THR B 342 -10.09 13.83 11.64
N ALA B 343 -10.03 14.42 12.84
CA ALA B 343 -9.18 15.58 13.10
C ALA B 343 -8.36 15.31 14.35
N PHE B 344 -7.21 15.98 14.44
CA PHE B 344 -6.20 15.67 15.45
C PHE B 344 -5.76 16.93 16.17
N ASN B 345 -5.12 16.73 17.32
CA ASN B 345 -4.33 17.74 17.98
C ASN B 345 -3.29 18.29 17.01
N PRO B 346 -3.29 19.59 16.72
CA PRO B 346 -2.34 20.14 15.73
C PRO B 346 -0.87 20.05 16.14
N ILE B 347 -0.58 19.88 17.44
CA ILE B 347 0.80 19.77 17.93
C ILE B 347 1.61 18.78 17.10
N TYR B 348 1.00 17.66 16.73
CA TYR B 348 1.73 16.62 16.01
C TYR B 348 1.74 16.85 14.49
N GLY B 349 0.92 17.77 14.01
CA GLY B 349 1.04 18.28 12.64
C GLY B 349 0.75 17.33 11.51
N HIS B 350 -0.34 16.55 11.62
CA HIS B 350 -0.61 15.52 10.62
C HIS B 350 -1.83 15.75 9.74
N GLY B 351 -2.66 16.74 10.03
CA GLY B 351 -3.94 16.87 9.31
C GLY B 351 -3.78 16.94 7.79
N MET B 352 -2.78 17.66 7.32
CA MET B 352 -2.53 17.80 5.88
C MET B 352 -2.02 16.50 5.28
N SER B 353 -1.23 15.74 6.04
CA SER B 353 -0.76 14.44 5.58
C SER B 353 -1.92 13.45 5.54
N SER B 354 -2.80 13.49 6.56
CA SER B 354 -4.01 12.67 6.54
C SER B 354 -4.88 13.01 5.33
N ALA B 355 -5.05 14.31 5.06
CA ALA B 355 -5.77 14.75 3.87
C ALA B 355 -5.13 14.17 2.60
N ALA B 356 -3.79 14.20 2.50
CA ALA B 356 -3.12 13.65 1.32
C ALA B 356 -3.33 12.14 1.22
N ARG B 357 -3.30 11.45 2.36
CA ARG B 357 -3.53 10.00 2.37
C ARG B 357 -4.92 9.67 1.83
N CYS B 358 -5.92 10.46 2.21
CA CYS B 358 -7.29 10.27 1.74
C CYS B 358 -7.35 10.32 0.23
N ALA B 359 -6.77 11.38 -0.34
CA ALA B 359 -6.76 11.53 -1.80
C ALA B 359 -5.95 10.43 -2.48
N THR B 360 -4.79 10.08 -1.91
CA THR B 360 -4.00 8.99 -2.48
C THR B 360 -4.76 7.69 -2.42
N THR B 361 -5.51 7.45 -1.33
CA THR B 361 -6.24 6.19 -1.19
C THR B 361 -7.37 6.11 -2.22
N ILE B 362 -8.06 7.22 -2.45
CA ILE B 362 -9.05 7.27 -3.51
C ILE B 362 -8.40 6.94 -4.85
N ASP B 363 -7.24 7.55 -5.12
CA ASP B 363 -6.58 7.32 -6.40
C ASP B 363 -6.21 5.85 -6.58
N ARG B 364 -5.65 5.23 -5.54
N ARG B 364 -5.68 5.21 -5.54
CA ARG B 364 -5.18 3.85 -5.62
CA ARG B 364 -5.21 3.85 -5.72
C ARG B 364 -6.33 2.85 -5.69
C ARG B 364 -6.30 2.81 -5.63
N GLU B 365 -7.44 3.13 -5.01
CA GLU B 365 -8.51 2.15 -4.85
C GLU B 365 -9.72 2.39 -5.74
N PHE B 366 -9.79 3.50 -6.48
CA PHE B 366 -11.02 3.87 -7.17
C PHE B 366 -11.44 2.81 -8.21
N GLU B 367 -10.54 2.46 -9.10
CA GLU B 367 -10.92 1.57 -10.20
C GLU B 367 -11.30 0.20 -9.67
N ARG B 368 -10.44 -0.37 -8.82
CA ARG B 368 -10.75 -1.64 -8.20
C ARG B 368 -12.13 -1.62 -7.53
N SER B 369 -12.46 -0.50 -6.89
CA SER B 369 -13.69 -0.43 -6.11
C SER B 369 -14.94 -0.29 -6.97
N VAL B 370 -14.87 0.47 -8.07
CA VAL B 370 -16.07 0.73 -8.86
C VAL B 370 -16.26 -0.25 -10.00
N GLN B 371 -15.39 -1.24 -10.15
CA GLN B 371 -15.51 -2.16 -11.28
C GLN B 371 -16.92 -2.77 -11.32
N GLU B 372 -17.50 -2.81 -12.52
CA GLU B 372 -18.90 -3.19 -12.67
C GLU B 372 -19.14 -4.66 -12.30
N GLY B 373 -20.40 -4.95 -11.97
CA GLY B 373 -20.83 -6.31 -11.75
C GLY B 373 -21.92 -6.47 -10.72
N THR B 374 -22.01 -5.57 -9.73
CA THR B 374 -23.05 -5.68 -8.71
C THR B 374 -24.36 -4.99 -9.07
N GLY B 375 -24.37 -4.12 -10.09
CA GLY B 375 -25.56 -3.38 -10.44
C GLY B 375 -25.85 -2.13 -9.62
N SER B 376 -25.00 -1.78 -8.64
CA SER B 376 -25.23 -0.56 -7.89
C SER B 376 -23.91 0.00 -7.42
N ALA B 377 -23.94 1.25 -6.95
CA ALA B 377 -22.76 1.94 -6.45
C ALA B 377 -22.39 1.54 -5.02
N ARG B 378 -23.20 0.71 -4.36
CA ARG B 378 -23.02 0.43 -2.93
C ARG B 378 -21.65 -0.20 -2.65
N ALA B 379 -21.29 -1.25 -3.39
CA ALA B 379 -20.05 -1.96 -3.11
C ALA B 379 -18.85 -1.03 -3.21
N GLY B 380 -18.81 -0.21 -4.25
CA GLY B 380 -17.65 0.66 -4.46
C GLY B 380 -17.58 1.80 -3.44
N THR B 381 -18.73 2.36 -3.06
CA THR B 381 -18.74 3.39 -2.01
C THR B 381 -18.12 2.86 -0.72
N ARG B 382 -18.58 1.68 -0.29
CA ARG B 382 -18.15 1.11 0.98
C ARG B 382 -16.69 0.71 0.93
N ALA B 383 -16.24 0.12 -0.19
CA ALA B 383 -14.83 -0.22 -0.34
C ALA B 383 -13.95 1.00 -0.30
N LEU B 384 -14.38 2.09 -0.94
CA LEU B 384 -13.59 3.33 -0.89
C LEU B 384 -13.56 3.90 0.53
N GLN B 385 -14.73 4.00 1.18
CA GLN B 385 -14.77 4.58 2.52
C GLN B 385 -14.02 3.72 3.53
N LYS B 386 -14.02 2.41 3.32
CA LYS B 386 -13.28 1.51 4.21
C LYS B 386 -11.78 1.70 4.03
N ALA B 387 -11.30 1.87 2.81
CA ALA B 387 -9.86 2.09 2.59
C ALA B 387 -9.40 3.46 3.10
N ILE B 388 -10.25 4.48 2.95
CA ILE B 388 -9.95 5.78 3.52
C ILE B 388 -9.82 5.66 5.03
N GLY B 389 -10.72 4.88 5.65
CA GLY B 389 -10.67 4.68 7.09
C GLY B 389 -9.36 4.09 7.54
N ALA B 390 -8.89 3.04 6.85
CA ALA B 390 -7.59 2.47 7.19
C ALA B 390 -6.47 3.48 6.98
N ALA B 391 -6.57 4.33 5.96
CA ALA B 391 -5.52 5.31 5.70
C ALA B 391 -5.35 6.32 6.82
N VAL B 392 -6.42 6.65 7.57
CA VAL B 392 -6.28 7.73 8.54
C VAL B 392 -5.98 7.16 9.93
N ASP B 393 -5.72 5.86 10.02
CA ASP B 393 -5.49 5.28 11.33
C ASP B 393 -4.18 5.76 11.96
N ASP B 394 -3.08 5.76 11.20
CA ASP B 394 -1.79 6.18 11.79
C ASP B 394 -1.88 7.53 12.50
N PRO B 395 -2.37 8.62 11.89
CA PRO B 395 -2.42 9.88 12.65
C PRO B 395 -3.41 9.84 13.81
N TRP B 396 -4.50 9.09 13.70
CA TRP B 396 -5.43 9.00 14.83
C TRP B 396 -4.74 8.37 16.04
N ILE B 397 -4.13 7.20 15.86
CA ILE B 397 -3.64 6.49 17.04
C ILE B 397 -2.41 7.18 17.62
N LEU B 398 -1.58 7.80 16.78
CA LEU B 398 -0.45 8.58 17.30
C LEU B 398 -0.95 9.69 18.22
N ALA B 399 -1.80 10.56 17.69
CA ALA B 399 -2.23 11.71 18.47
C ALA B 399 -3.04 11.30 19.70
N ALA B 400 -3.94 10.32 19.54
CA ALA B 400 -4.76 9.90 20.67
C ALA B 400 -3.90 9.23 21.75
N THR B 401 -2.89 8.47 21.35
CA THR B 401 -2.00 7.89 22.36
C THR B 401 -1.25 8.98 23.09
N LYS B 402 -0.87 10.03 22.38
CA LYS B 402 -0.03 11.05 22.97
C LYS B 402 -0.83 12.01 23.85
N ASP B 403 -2.16 12.06 23.70
CA ASP B 403 -3.00 13.01 24.44
C ASP B 403 -3.83 12.37 25.55
N ILE B 404 -3.97 11.04 25.57
CA ILE B 404 -4.99 10.43 26.42
C ILE B 404 -4.70 10.60 27.91
N ASP B 405 -3.44 10.76 28.31
CA ASP B 405 -3.11 10.81 29.73
C ASP B 405 -2.95 12.23 30.27
N TYR B 406 -3.21 13.27 29.48
CA TYR B 406 -3.13 14.61 30.02
C TYR B 406 -4.17 14.80 31.12
N VAL B 407 -3.79 15.54 32.18
CA VAL B 407 -4.77 15.93 33.20
C VAL B 407 -5.91 16.65 32.50
N ASN B 408 -7.13 16.38 32.96
CA ASN B 408 -8.37 16.99 32.49
C ASN B 408 -8.75 16.53 31.07
N CYS B 409 -8.17 15.46 30.55
CA CYS B 409 -8.51 15.02 29.20
C CYS B 409 -9.86 14.33 29.18
N ARG B 410 -10.72 14.74 28.25
CA ARG B 410 -12.05 14.13 28.06
C ARG B 410 -11.93 13.04 27.01
N VAL B 411 -12.08 11.78 27.42
CA VAL B 411 -11.93 10.65 26.52
C VAL B 411 -13.28 9.97 26.39
N SER B 412 -13.68 9.72 25.14
CA SER B 412 -14.95 9.08 24.81
C SER B 412 -14.66 8.14 23.63
N ALA B 413 -14.01 7.02 23.93
CA ALA B 413 -13.48 6.18 22.88
C ALA B 413 -13.66 4.71 23.24
N THR B 414 -13.72 3.87 22.19
CA THR B 414 -13.80 2.43 22.34
C THR B 414 -12.60 1.72 21.74
N ASP B 415 -11.64 2.46 21.17
CA ASP B 415 -10.42 1.90 20.60
C ASP B 415 -9.70 1.11 21.68
N PRO B 416 -9.55 -0.21 21.51
CA PRO B 416 -8.93 -1.03 22.58
C PRO B 416 -7.46 -0.73 22.78
N ARG B 417 -6.76 -0.22 21.75
CA ARG B 417 -5.37 0.16 21.95
C ARG B 417 -5.24 1.26 22.99
N LEU B 418 -6.28 2.08 23.16
CA LEU B 418 -6.29 3.16 24.14
C LEU B 418 -6.86 2.71 25.48
N ILE B 419 -8.03 2.06 25.46
CA ILE B 419 -8.75 1.76 26.71
C ILE B 419 -8.41 0.39 27.29
N GLY B 420 -7.78 -0.49 26.53
CA GLY B 420 -7.39 -1.81 27.02
C GLY B 420 -5.97 -1.94 27.53
N VAL B 421 -5.27 -0.83 27.75
CA VAL B 421 -3.88 -0.86 28.17
C VAL B 421 -3.77 -0.17 29.51
N ASP B 422 -2.82 -0.63 30.33
CA ASP B 422 -2.53 0.01 31.61
C ASP B 422 -1.90 1.39 31.39
N THR B 423 -2.48 2.40 32.05
CA THR B 423 -1.99 3.77 31.91
C THR B 423 -0.53 3.90 32.36
N GLU B 424 -0.20 3.35 33.53
CA GLU B 424 1.18 3.48 34.00
C GLU B 424 2.17 2.83 33.04
N GLN B 425 1.79 1.73 32.39
CA GLN B 425 2.65 1.15 31.37
C GLN B 425 2.77 2.07 30.16
N ARG B 426 1.65 2.67 29.73
CA ARG B 426 1.71 3.60 28.59
C ARG B 426 2.60 4.79 28.92
N LEU B 427 2.50 5.31 30.15
CA LEU B 427 3.39 6.40 30.58
C LEU B 427 4.85 5.95 30.57
N ARG B 428 5.11 4.75 31.10
CA ARG B 428 6.46 4.21 31.08
C ARG B 428 7.00 4.09 29.66
N PHE B 429 6.19 3.54 28.74
CA PHE B 429 6.64 3.35 27.37
C PHE B 429 6.99 4.68 26.72
N ALA B 430 6.13 5.70 26.92
CA ALA B 430 6.32 6.98 26.24
C ALA B 430 7.60 7.67 26.68
N GLU B 431 7.90 7.61 27.99
CA GLU B 431 9.10 8.26 28.49
C GLU B 431 10.35 7.58 27.95
N ALA B 432 10.32 6.24 27.85
CA ALA B 432 11.48 5.54 27.30
C ALA B 432 11.66 5.83 25.82
N ILE B 433 10.56 5.98 25.06
CA ILE B 433 10.69 6.34 23.65
C ILE B 433 11.33 7.71 23.51
N THR B 434 10.86 8.68 24.29
CA THR B 434 11.41 10.03 24.19
C THR B 434 12.87 10.07 24.62
N ALA B 435 13.20 9.42 25.73
CA ALA B 435 14.58 9.39 26.20
C ALA B 435 15.50 8.78 25.16
N ALA B 436 15.05 7.72 24.48
CA ALA B 436 15.86 7.11 23.43
C ALA B 436 16.04 8.05 22.24
N SER B 437 14.96 8.71 21.82
CA SER B 437 15.04 9.49 20.58
C SER B 437 15.99 10.67 20.69
N ILE B 438 16.13 11.27 21.88
CA ILE B 438 16.91 12.50 21.94
C ILE B 438 18.43 12.27 21.95
N ARG B 439 18.89 11.06 22.27
CA ARG B 439 20.32 10.85 22.44
C ARG B 439 20.86 9.59 21.79
N SER B 440 20.03 8.80 21.12
CA SER B 440 20.48 7.59 20.41
C SER B 440 20.11 7.71 18.93
N PRO B 441 21.09 7.70 18.02
CA PRO B 441 20.77 8.00 16.60
C PRO B 441 19.83 6.99 15.97
N LYS B 442 19.94 5.72 16.36
CA LYS B 442 19.15 4.70 15.68
C LYS B 442 17.72 4.68 16.20
N ALA B 443 17.54 4.87 17.50
CA ALA B 443 16.20 5.10 18.04
C ALA B 443 15.60 6.40 17.47
N SER B 444 16.42 7.43 17.32
CA SER B 444 15.88 8.68 16.80
C SER B 444 15.36 8.50 15.39
N GLU B 445 16.07 7.72 14.55
CA GLU B 445 15.60 7.50 13.19
C GLU B 445 14.20 6.89 13.16
N ILE B 446 13.99 5.84 13.95
CA ILE B 446 12.69 5.19 13.97
C ILE B 446 11.63 6.13 14.54
N VAL B 447 11.94 6.80 15.64
CA VAL B 447 10.94 7.70 16.21
C VAL B 447 10.56 8.79 15.20
N THR B 448 11.54 9.33 14.47
CA THR B 448 11.20 10.38 13.51
C THR B 448 10.39 9.82 12.37
N ASP B 449 10.59 8.53 12.05
CA ASP B 449 9.75 7.87 11.06
C ASP B 449 8.30 7.89 11.50
N VAL B 450 8.05 7.57 12.77
CA VAL B 450 6.69 7.58 13.29
C VAL B 450 6.16 9.00 13.38
N MET B 451 6.99 9.93 13.85
N MET B 451 6.98 9.94 13.84
CA MET B 451 6.58 11.33 14.05
CA MET B 451 6.53 11.31 14.04
C MET B 451 6.23 11.99 12.74
C MET B 451 6.19 11.97 12.72
N SER B 452 6.85 11.58 11.65
CA SER B 452 6.60 12.12 10.32
C SER B 452 5.48 11.39 9.59
N LEU B 453 4.83 10.42 10.24
CA LEU B 453 3.70 9.66 9.69
C LEU B 453 4.11 8.71 8.56
N ASN B 454 5.33 8.17 8.61
CA ASN B 454 5.81 7.19 7.66
C ASN B 454 5.96 5.78 8.26
N ALA B 455 5.68 5.61 9.54
CA ALA B 455 5.68 4.30 10.17
C ALA B 455 4.61 4.37 11.24
N PRO B 456 3.86 3.29 11.49
CA PRO B 456 2.80 3.34 12.49
C PRO B 456 3.34 3.49 13.90
N GLN B 457 2.54 4.13 14.76
CA GLN B 457 2.82 4.19 16.19
C GLN B 457 3.17 2.81 16.77
N ALA B 458 2.57 1.74 16.23
CA ALA B 458 2.84 0.40 16.77
C ALA B 458 4.29 -0.01 16.58
N GLU B 459 5.02 0.57 15.62
CA GLU B 459 6.44 0.24 15.46
C GLU B 459 7.23 0.49 16.75
N LEU B 460 6.82 1.47 17.57
CA LEU B 460 7.57 1.75 18.80
C LEU B 460 7.40 0.67 19.85
N GLY B 461 6.53 -0.31 19.63
CA GLY B 461 6.46 -1.48 20.48
C GLY B 461 7.08 -2.70 19.83
N SER B 462 7.76 -2.54 18.68
CA SER B 462 8.27 -3.71 17.95
C SER B 462 9.56 -4.24 18.58
N ASN B 463 9.85 -5.50 18.22
CA ASN B 463 11.15 -6.08 18.57
C ASN B 463 12.30 -5.28 17.98
N ARG B 464 12.15 -4.80 16.74
CA ARG B 464 13.22 -4.04 16.12
C ARG B 464 13.49 -2.75 16.90
N PHE B 465 12.44 -2.08 17.33
CA PHE B 465 12.67 -0.82 18.02
C PHE B 465 13.21 -1.06 19.42
N LEU B 466 12.66 -2.05 20.12
CA LEU B 466 13.17 -2.39 21.44
C LEU B 466 14.64 -2.76 21.37
N MET B 467 15.03 -3.52 20.36
CA MET B 467 16.43 -3.89 20.20
C MET B 467 17.29 -2.66 19.91
N ALA B 468 16.81 -1.76 19.06
CA ALA B 468 17.56 -0.53 18.79
C ALA B 468 17.69 0.34 20.04
N MET B 469 16.60 0.48 20.81
CA MET B 469 16.67 1.27 22.04
C MET B 469 17.77 0.74 22.94
N ARG B 470 17.90 -0.59 23.02
CA ARG B 470 18.82 -1.12 24.00
C ARG B 470 20.23 -1.19 23.44
N ALA B 471 20.38 -1.60 22.18
CA ALA B 471 21.70 -1.79 21.59
C ALA B 471 22.44 -0.49 21.32
N ASP B 472 21.72 0.58 20.98
CA ASP B 472 22.35 1.79 20.48
C ASP B 472 23.08 2.53 21.59
N GLU B 473 24.14 3.23 21.19
CA GLU B 473 24.82 4.11 22.13
C GLU B 473 23.91 5.26 22.52
N ARG B 474 24.21 5.86 23.67
N ARG B 474 24.22 5.86 23.67
CA ARG B 474 23.56 7.06 24.16
CA ARG B 474 23.55 7.06 24.14
C ARG B 474 24.61 8.14 24.35
C ARG B 474 24.60 8.14 24.34
N LEU B 475 24.46 9.24 23.60
CA LEU B 475 25.36 10.36 23.74
C LEU B 475 25.12 11.03 25.08
N PRO B 476 26.09 11.80 25.57
CA PRO B 476 25.89 12.54 26.82
C PRO B 476 24.69 13.47 26.74
N GLU B 477 24.09 13.70 27.90
CA GLU B 477 23.04 14.70 28.02
C GLU B 477 23.54 16.08 27.59
N LEU B 478 22.75 16.77 26.78
CA LEU B 478 23.02 18.18 26.52
C LEU B 478 22.57 19.02 27.70
N THR B 479 23.40 20.01 28.07
CA THR B 479 23.10 20.88 29.20
C THR B 479 22.75 22.29 28.79
N ALA B 480 22.63 22.56 27.48
CA ALA B 480 22.20 23.83 26.94
C ALA B 480 21.60 23.56 25.56
N PRO B 481 20.73 24.45 25.08
CA PRO B 481 20.19 24.26 23.73
C PRO B 481 21.31 24.19 22.72
N PRO B 482 21.32 23.16 21.86
CA PRO B 482 22.42 22.96 20.91
C PRO B 482 22.36 23.87 19.68
N PHE B 483 22.25 25.17 19.93
CA PHE B 483 22.47 26.14 18.87
C PHE B 483 23.93 26.12 18.43
N LEU B 484 24.14 26.38 17.20
CA LEU B 484 25.52 26.48 16.76
C LEU B 484 25.96 27.93 16.88
N PRO B 485 27.24 28.22 17.16
CA PRO B 485 27.63 29.64 17.34
C PRO B 485 27.27 30.52 16.16
N GLU B 486 27.48 30.04 14.92
CA GLU B 486 27.09 30.82 13.75
C GLU B 486 25.61 31.15 13.79
N GLU B 487 24.80 30.24 14.37
CA GLU B 487 23.35 30.45 14.46
C GLU B 487 23.01 31.44 15.56
N LEU B 488 23.77 31.44 16.67
CA LEU B 488 23.52 32.47 17.66
C LEU B 488 23.97 33.83 17.12
N ALA B 489 25.09 33.85 16.39
CA ALA B 489 25.57 35.07 15.76
C ALA B 489 24.50 35.69 14.89
N VAL B 490 23.74 34.87 14.14
CA VAL B 490 22.69 35.40 13.27
C VAL B 490 21.66 36.17 14.07
N VAL B 491 21.19 35.59 15.18
CA VAL B 491 20.22 36.25 16.05
C VAL B 491 20.90 37.06 17.16
N GLY B 492 22.22 37.25 17.09
CA GLY B 492 22.94 38.09 18.02
C GLY B 492 22.95 37.62 19.47
N LEU B 493 22.80 36.33 19.74
CA LEU B 493 22.85 35.86 21.13
C LEU B 493 24.19 35.22 21.45
PA FAD C . 4.71 -24.61 -3.14
O1A FAD C . 3.81 -25.56 -3.84
O2A FAD C . 5.79 -23.96 -4.00
O5B FAD C . 5.51 -25.28 -1.93
C5B FAD C . 4.84 -25.81 -0.78
C4B FAD C . 5.92 -26.34 0.16
O4B FAD C . 5.33 -26.99 1.32
C3B FAD C . 6.87 -27.37 -0.46
O3B FAD C . 8.24 -27.16 -0.07
C2B FAD C . 6.33 -28.70 0.08
O2B FAD C . 7.36 -29.69 0.14
C1B FAD C . 5.92 -28.27 1.49
N9A FAD C . 4.93 -29.12 2.15
C8A FAD C . 3.75 -29.59 1.63
N7A FAD C . 3.03 -30.27 2.49
C5A FAD C . 3.78 -30.22 3.66
C6A FAD C . 3.58 -30.78 4.95
N6A FAD C . 2.50 -31.47 5.29
N1A FAD C . 4.53 -30.54 5.88
C2A FAD C . 5.60 -29.81 5.55
N3A FAD C . 5.90 -29.25 4.38
C4A FAD C . 4.95 -29.50 3.47
N1 FAD C . 4.54 -18.75 -10.55
C2 FAD C . 5.15 -17.64 -11.04
O2 FAD C . 5.32 -16.64 -10.34
N3 FAD C . 5.58 -17.61 -12.35
C4 FAD C . 5.49 -18.68 -13.27
O4 FAD C . 5.90 -18.54 -14.43
C4X FAD C . 4.84 -19.86 -12.73
N5 FAD C . 4.71 -20.92 -13.51
C5X FAD C . 4.08 -22.03 -12.99
C6 FAD C . 3.91 -23.17 -13.80
C7 FAD C . 3.26 -24.30 -13.34
C7M FAD C . 3.10 -25.50 -14.24
C8 FAD C . 2.81 -24.33 -12.02
C8M FAD C . 2.11 -25.56 -11.47
C9 FAD C . 2.98 -23.22 -11.19
C9A FAD C . 3.61 -22.07 -11.67
N10 FAD C . 3.79 -20.93 -10.86
C10 FAD C . 4.40 -19.80 -11.36
C1' FAD C . 3.34 -20.91 -9.45
C2' FAD C . 4.49 -21.07 -8.46
O2' FAD C . 5.19 -22.28 -8.72
C3' FAD C . 3.96 -21.08 -7.01
O3' FAD C . 3.02 -20.04 -6.83
C4' FAD C . 5.09 -20.94 -5.98
O4' FAD C . 5.83 -22.16 -5.91
C5' FAD C . 4.66 -20.50 -4.59
O5' FAD C . 3.94 -21.57 -3.96
P FAD C . 4.06 -21.89 -2.41
O1P FAD C . 5.34 -21.52 -1.68
O2P FAD C . 2.89 -21.28 -1.82
O3P FAD C . 3.87 -23.48 -2.42
CL CL D . 3.05 -29.46 -11.28
PA FAD E . -10.50 22.63 6.29
O1A FAD E . -11.13 23.01 7.56
O2A FAD E . -9.07 23.07 5.93
O5B FAD E . -11.27 23.19 5.05
C5B FAD E . -12.70 23.27 5.01
C4B FAD E . -13.01 23.95 3.70
O4B FAD E . -14.39 23.74 3.33
C3B FAD E . -12.78 25.46 3.67
O3B FAD E . -12.19 25.84 2.43
C2B FAD E . -14.20 26.02 3.89
O2B FAD E . -14.31 27.31 3.30
C1B FAD E . -15.02 24.99 3.14
N9A FAD E . -16.41 24.82 3.57
C8A FAD E . -16.85 24.45 4.81
N7A FAD E . -18.15 24.30 4.89
C5A FAD E . -18.59 24.55 3.61
C6A FAD E . -19.88 24.56 3.02
N6A FAD E . -21.01 24.28 3.69
N1A FAD E . -19.97 24.87 1.71
C2A FAD E . -18.86 25.15 1.03
N3A FAD E . -17.59 25.17 1.47
C4A FAD E . -17.53 24.86 2.78
N1 FAD E . -2.08 20.00 9.59
C2 FAD E . -0.82 19.67 9.22
O2 FAD E . -0.60 18.80 8.36
N3 FAD E . 0.27 20.29 9.80
C4 FAD E . 0.21 21.26 10.78
O4 FAD E . 1.26 21.72 11.24
C4X FAD E . -1.13 21.61 11.18
N5 FAD E . -1.27 22.53 12.09
C5X FAD E . -2.56 22.88 12.47
C6 FAD E . -2.73 23.86 13.45
C7 FAD E . -3.98 24.24 13.89
C7M FAD E . -4.13 25.30 14.95
C8 FAD E . -5.11 23.63 13.32
C8M FAD E . -6.51 24.01 13.77
C9 FAD E . -4.95 22.66 12.34
C9A FAD E . -3.69 22.28 11.91
N10 FAD E . -3.50 21.29 10.93
C10 FAD E . -2.23 20.93 10.53
C1' FAD E . -4.65 20.65 10.25
C2' FAD E . -4.93 21.26 8.87
O2' FAD E . -5.26 22.66 8.99
C3' FAD E . -6.09 20.52 8.18
O3' FAD E . -5.91 19.11 8.34
C4' FAD E . -6.24 20.82 6.69
O4' FAD E . -6.77 22.13 6.48
C5' FAD E . -7.13 19.82 5.99
O5' FAD E . -8.49 20.00 6.47
P FAD E . -9.72 19.94 5.47
O1P FAD E . -9.24 20.39 4.08
O2P FAD E . -10.38 18.63 5.60
O3P FAD E . -10.66 21.06 6.07
CL CL F . -8.45 27.67 13.91
#